data_7X2O
#
_entry.id   7X2O
#
_cell.length_a   1.00
_cell.length_b   1.00
_cell.length_c   1.00
_cell.angle_alpha   90.00
_cell.angle_beta   90.00
_cell.angle_gamma   90.00
#
_symmetry.space_group_name_H-M   'P 1'
#
loop_
_entity.id
_entity.type
_entity.pdbx_description
1 polymer 'Virion protein 1'
2 polymer VP2
3 polymer VP3
4 polymer 'Capsid protein VP4'
5 polymer '2E6 light chain'
6 polymer '2E6 heavy chain'
7 non-polymer 'PALMITIC ACID'
#
loop_
_entity_poly.entity_id
_entity_poly.type
_entity_poly.pdbx_seq_one_letter_code
_entity_poly.pdbx_strand_id
1 'polypeptide(L)'
;GPVEESVDRAVARVADTISSRPTNSESIPALTAAETGHTSQVVPSDTMQTRHVKNYHSRSESSIENFLCRSACVYYATYT
NNSKKGFAEWVINTRQVAQLRRKLELFTYLRFDLELTFVITSAQQPSTASSVDAPVQTHQIMYVPPGGPVPTKVKDYAWQ
TSTNPSVFWTEGNAPPRMSIPFISIGNAYSCFYDGWTQFSRNGVYGINTLNNMGTLYMRHVNEAGQGPIKSTVRIYFKPK
HVKAWVPRPPRLCQYEKQKNVNFSPIGVTTSRTDIITT
;
A
2 'polypeptide(L)'
;SPSAEECGYSDRVRSITLGNSTITTQECANVVVGYGVWPEYLKDNEATAEDQPTQPDVATCRFYTLESVQWMKNSAGWWW
KLPDALSQMGLFGQNMQYHYLGRTGYTIHVQCNASKFHQGCLLVVCVPEAEMGCSNLNNTPEFSELSGGDSARMFTDTQV
GESNAKKVQTAVWNAGMGVGVGNLTIFPHQWINLRTNNSATLVMPYINSVPMDNMFRHNNLTLMIIPFVPLNYSEGSSPY
VPITVTIAPMCAEYNGLRLASNQ
;
B
3 'polypeptide(L)'
;GLPVMTTPGSTQFLTSDDFQSPSAMPQFDVTPEMQIPGRVNNLMEIAEVDSVVPVNNTEDNVSSLKAYQIPVQSNSDNGK
QVFGFPLQPGANNVLNRTLLGEILNYYTHWSGSIKLTFMFCGSAMATGKFLLAYSPPGAGVPKNRKDAMLGTHVIWDVGL
QSSCVLCVPWISQTHYRYVVEDEYTAAGYVTCWYQTNIVVPADVQSSCDILCFVSACNDFSVRMLKDTPFIRQDTFYQ
;
C
4 'polypeptide(L)' MGAQVSTQKTGAHETGLNASGNSVIHYTNINYYKDAASNSANRQDFTQDPGKFTEPVKDIMVKTMPALN D
5 'polypeptide(L)'
;DIQMTQSPASLSVSVGETVTITCRASENVYRNLAWYQQKQGKSPQLLVYAATNLADGVPSRFSGSGSGTQYSLKINSLQS
EDFGSYFCQHFWSPVFTFGAGTKLELK
;
L
6 'polypeptide(L)'
;QVQLKQSGPGLVQPSQSLSITCTVSGFSLTNYGVHWVRQSPGKGLEWLGVIWRGGSTDYNAAFMSRLSITKDNSKSQVFF
KMNSLQADDTAIYYCAKGDYYGYDAMDSWGQGTSVTVSR
;
H
#
loop_
_chem_comp.id
_chem_comp.type
_chem_comp.name
_chem_comp.formula
PLM non-polymer 'PALMITIC ACID' 'C16 H32 O2'
#
# COMPACT_ATOMS: atom_id res chain seq x y z
N ALA A 12 -3.60 5.50 -32.92
CA ALA A 12 -3.27 5.93 -31.57
C ALA A 12 -3.73 7.36 -31.31
N ARG A 13 -4.35 7.99 -32.30
CA ARG A 13 -4.78 9.36 -32.14
C ARG A 13 -5.81 9.53 -31.03
N VAL A 14 -5.72 10.64 -30.32
CA VAL A 14 -6.64 10.93 -29.23
C VAL A 14 -7.97 11.40 -29.77
N ALA A 15 -9.01 11.30 -28.94
CA ALA A 15 -10.33 11.75 -29.34
C ALA A 15 -10.35 13.26 -29.52
N ASP A 16 -11.19 13.71 -30.44
CA ASP A 16 -11.26 15.11 -30.79
C ASP A 16 -12.50 15.77 -30.19
N THR A 17 -12.58 17.08 -30.34
CA THR A 17 -13.58 17.88 -29.66
C THR A 17 -14.76 18.17 -30.59
N ILE A 18 -15.96 18.07 -30.04
CA ILE A 18 -17.20 18.31 -30.76
C ILE A 18 -17.71 19.68 -30.37
N SER A 19 -18.35 20.38 -31.31
CA SER A 19 -18.96 21.66 -31.00
C SER A 19 -20.25 21.46 -30.21
N SER A 20 -20.56 22.43 -29.36
CA SER A 20 -21.76 22.35 -28.53
C SER A 20 -22.45 23.71 -28.51
N ARG A 21 -23.73 23.68 -28.16
CA ARG A 21 -24.64 24.81 -28.19
C ARG A 21 -25.24 24.98 -26.79
N PRO A 22 -25.85 26.13 -26.48
CA PRO A 22 -26.47 26.30 -25.17
C PRO A 22 -27.65 25.35 -24.96
N THR A 23 -27.65 24.69 -23.80
CA THR A 23 -28.62 23.67 -23.47
C THR A 23 -29.41 24.04 -22.21
N ASN A 24 -30.67 23.61 -22.19
CA ASN A 24 -31.54 23.76 -21.02
C ASN A 24 -32.45 22.55 -21.01
N SER A 25 -32.06 21.51 -20.30
CA SER A 25 -32.74 20.23 -20.39
C SER A 25 -32.58 19.47 -19.08
N GLU A 26 -33.12 18.26 -19.06
CA GLU A 26 -33.01 17.38 -17.91
C GLU A 26 -31.81 16.44 -17.99
N SER A 27 -30.96 16.57 -19.00
CA SER A 27 -29.75 15.79 -19.09
C SER A 27 -28.71 16.36 -18.13
N ILE A 28 -28.15 15.50 -17.28
CA ILE A 28 -27.21 15.93 -16.25
C ILE A 28 -25.90 15.16 -16.35
N PRO A 29 -25.00 15.52 -17.27
CA PRO A 29 -23.72 14.82 -17.34
C PRO A 29 -22.78 15.18 -16.20
N ALA A 30 -22.90 16.38 -15.62
CA ALA A 30 -22.00 16.80 -14.55
C ALA A 30 -22.29 16.08 -13.24
N LEU A 31 -23.55 15.75 -12.96
CA LEU A 31 -23.91 15.08 -11.72
C LEU A 31 -23.77 13.58 -11.87
N THR A 32 -23.01 12.97 -10.96
CA THR A 32 -22.79 11.53 -10.97
C THR A 32 -22.76 11.05 -9.52
N ALA A 33 -22.31 9.81 -9.34
CA ALA A 33 -22.20 9.21 -8.01
C ALA A 33 -20.90 8.40 -7.97
N ALA A 34 -19.90 8.92 -7.26
CA ALA A 34 -18.58 8.31 -7.21
C ALA A 34 -18.51 7.08 -6.32
N GLU A 35 -19.58 6.74 -5.61
CA GLU A 35 -19.57 5.58 -4.73
C GLU A 35 -19.75 4.27 -5.50
N THR A 36 -20.01 4.34 -6.81
CA THR A 36 -20.20 3.15 -7.62
C THR A 36 -18.89 2.52 -8.07
N GLY A 37 -17.76 3.16 -7.81
CA GLY A 37 -16.49 2.66 -8.33
C GLY A 37 -16.33 2.89 -9.82
N HIS A 38 -16.77 4.04 -10.32
CA HIS A 38 -16.90 4.30 -11.74
C HIS A 38 -16.39 5.70 -12.02
N THR A 39 -15.53 5.85 -13.02
CA THR A 39 -15.03 7.16 -13.40
C THR A 39 -15.96 7.76 -14.45
N SER A 40 -16.25 9.05 -14.31
CA SER A 40 -17.16 9.73 -15.22
C SER A 40 -16.52 9.90 -16.59
N GLN A 41 -17.31 9.68 -17.63
CA GLN A 41 -16.84 9.71 -19.02
C GLN A 41 -17.17 11.05 -19.67
N VAL A 42 -17.12 12.12 -18.91
CA VAL A 42 -17.51 13.43 -19.41
C VAL A 42 -16.36 14.06 -20.17
N VAL A 43 -16.71 14.85 -21.18
CA VAL A 43 -15.77 15.61 -21.99
C VAL A 43 -16.09 17.07 -21.73
N PRO A 44 -15.24 18.03 -22.11
CA PRO A 44 -15.60 19.44 -21.91
C PRO A 44 -16.74 19.94 -22.80
N SER A 45 -17.17 19.19 -23.80
CA SER A 45 -18.30 19.59 -24.63
C SER A 45 -19.65 19.22 -24.01
N ASP A 46 -19.68 18.89 -22.72
CA ASP A 46 -20.92 18.65 -22.01
C ASP A 46 -21.27 19.73 -20.99
N THR A 47 -20.28 20.49 -20.53
CA THR A 47 -20.49 21.50 -19.51
C THR A 47 -20.25 22.92 -19.97
N MET A 48 -19.70 23.12 -21.17
CA MET A 48 -19.48 24.45 -21.69
C MET A 48 -19.56 24.41 -23.21
N GLN A 49 -19.58 25.59 -23.82
CA GLN A 49 -19.63 25.69 -25.27
C GLN A 49 -18.23 25.60 -25.84
N THR A 50 -17.99 24.59 -26.67
CA THR A 50 -16.69 24.37 -27.28
C THR A 50 -16.79 24.55 -28.79
N ARG A 51 -15.63 24.56 -29.43
CA ARG A 51 -15.52 24.57 -30.87
C ARG A 51 -15.00 23.22 -31.35
N HIS A 52 -15.15 22.98 -32.66
CA HIS A 52 -14.65 21.75 -33.25
C HIS A 52 -13.14 21.85 -33.43
N VAL A 53 -12.41 20.89 -32.87
CA VAL A 53 -10.96 20.85 -32.88
C VAL A 53 -10.53 19.49 -33.40
N LYS A 54 -9.70 19.47 -34.44
CA LYS A 54 -9.10 18.25 -34.94
C LYS A 54 -7.81 17.99 -34.15
N ASN A 55 -7.72 16.81 -33.53
CA ASN A 55 -6.54 16.46 -32.76
C ASN A 55 -5.66 15.48 -33.53
N TYR A 56 -4.41 15.85 -33.71
CA TYR A 56 -3.42 14.97 -34.30
C TYR A 56 -2.40 14.50 -33.27
N HIS A 57 -2.76 14.53 -32.00
CA HIS A 57 -1.89 14.02 -30.96
C HIS A 57 -2.00 12.49 -30.90
N SER A 58 -0.93 11.85 -30.48
CA SER A 58 -0.86 10.40 -30.45
C SER A 58 -0.45 9.92 -29.08
N ARG A 59 -0.97 8.75 -28.70
CA ARG A 59 -0.65 8.11 -27.43
C ARG A 59 0.41 7.03 -27.60
N SER A 60 1.36 7.27 -28.51
CA SER A 60 2.29 6.23 -28.92
C SER A 60 3.42 6.02 -27.93
N GLU A 61 3.87 7.08 -27.26
CA GLU A 61 5.06 7.01 -26.44
C GLU A 61 4.74 6.57 -25.01
N SER A 62 3.47 6.39 -24.67
CA SER A 62 3.08 5.92 -23.36
C SER A 62 2.64 4.46 -23.35
N SER A 63 2.90 3.72 -24.43
CA SER A 63 2.65 2.29 -24.41
C SER A 63 3.70 1.58 -23.56
N ILE A 64 3.42 0.32 -23.22
CA ILE A 64 4.35 -0.42 -22.36
C ILE A 64 5.59 -0.85 -23.12
N GLU A 65 5.51 -0.93 -24.45
CA GLU A 65 6.69 -1.26 -25.21
C GLU A 65 7.61 -0.06 -25.37
N ASN A 66 7.11 1.15 -25.14
CA ASN A 66 7.94 2.33 -25.14
C ASN A 66 8.38 2.74 -23.75
N PHE A 67 7.52 2.54 -22.75
CA PHE A 67 7.83 2.94 -21.38
C PHE A 67 8.92 2.08 -20.75
N LEU A 68 8.93 0.78 -21.04
CA LEU A 68 9.81 -0.15 -20.36
C LEU A 68 11.05 -0.54 -21.16
N CYS A 69 11.04 -0.41 -22.47
CA CYS A 69 12.14 -0.92 -23.30
C CYS A 69 13.24 0.13 -23.44
N ARG A 70 13.96 0.32 -22.33
CA ARG A 70 15.16 1.14 -22.29
C ARG A 70 16.16 0.44 -21.38
N SER A 71 17.45 0.59 -21.71
CA SER A 71 18.49 -0.07 -20.94
C SER A 71 18.69 0.63 -19.60
N ALA A 72 18.77 -0.15 -18.53
CA ALA A 72 18.93 0.38 -17.19
C ALA A 72 19.96 -0.43 -16.43
N CYS A 73 20.83 0.26 -15.70
CA CYS A 73 21.85 -0.40 -14.91
C CYS A 73 21.23 -1.10 -13.72
N VAL A 74 21.64 -2.35 -13.49
CA VAL A 74 21.05 -3.15 -12.43
C VAL A 74 22.09 -3.50 -11.37
N TYR A 75 23.37 -3.47 -11.75
CA TYR A 75 24.46 -3.86 -10.86
C TYR A 75 25.78 -3.39 -11.45
N TYR A 76 26.79 -3.28 -10.58
CA TYR A 76 28.17 -3.25 -11.02
C TYR A 76 29.03 -3.96 -9.99
N ALA A 77 29.95 -4.81 -10.47
CA ALA A 77 30.82 -5.61 -9.63
C ALA A 77 32.27 -5.32 -9.97
N THR A 78 33.17 -5.74 -9.08
CA THR A 78 34.59 -5.44 -9.19
C THR A 78 35.40 -6.69 -8.91
N TYR A 79 36.53 -6.83 -9.61
CA TYR A 79 37.44 -7.95 -9.40
C TYR A 79 38.84 -7.53 -9.79
N THR A 80 39.83 -8.01 -9.05
CA THR A 80 41.22 -7.62 -9.20
C THR A 80 42.02 -8.78 -9.78
N ASN A 81 42.95 -8.45 -10.68
CA ASN A 81 43.73 -9.48 -11.38
C ASN A 81 44.64 -10.26 -10.43
N ASN A 82 45.54 -9.56 -9.73
CA ASN A 82 46.59 -10.21 -8.95
C ASN A 82 46.04 -10.69 -7.61
N SER A 83 45.21 -11.73 -7.70
CA SER A 83 44.64 -12.44 -6.56
C SER A 83 44.10 -13.77 -7.03
N LYS A 84 44.21 -14.79 -6.18
CA LYS A 84 43.71 -16.11 -6.55
C LYS A 84 42.20 -16.20 -6.33
N LYS A 85 41.65 -15.27 -5.55
CA LYS A 85 40.21 -15.18 -5.32
C LYS A 85 39.65 -13.98 -6.09
N GLY A 86 40.36 -13.60 -7.15
CA GLY A 86 40.03 -12.41 -7.89
C GLY A 86 39.00 -12.62 -8.98
N PHE A 87 37.76 -12.94 -8.58
CA PHE A 87 36.65 -13.09 -9.51
C PHE A 87 35.41 -12.52 -8.85
N ALA A 88 34.41 -12.22 -9.67
CA ALA A 88 33.20 -11.57 -9.22
C ALA A 88 32.01 -12.53 -9.29
N GLU A 89 31.03 -12.28 -8.44
CA GLU A 89 29.86 -13.15 -8.31
C GLU A 89 28.64 -12.28 -8.06
N TRP A 90 27.53 -12.62 -8.73
CA TRP A 90 26.28 -11.88 -8.54
C TRP A 90 25.11 -12.82 -8.73
N VAL A 91 24.24 -12.89 -7.71
CA VAL A 91 22.98 -13.60 -7.83
C VAL A 91 21.98 -12.67 -8.50
N ILE A 92 21.42 -13.13 -9.62
CA ILE A 92 20.66 -12.28 -10.53
C ILE A 92 19.32 -11.90 -9.89
N ASN A 93 19.08 -10.59 -9.77
CA ASN A 93 17.79 -10.07 -9.36
C ASN A 93 17.62 -8.68 -9.97
N THR A 94 16.48 -8.06 -9.68
CA THR A 94 16.14 -6.73 -10.18
C THR A 94 15.72 -5.80 -9.05
N ARG A 95 16.30 -5.98 -7.86
CA ARG A 95 15.83 -5.29 -6.67
C ARG A 95 16.97 -4.67 -5.87
N GLN A 96 18.05 -4.24 -6.52
CA GLN A 96 19.14 -3.57 -5.83
C GLN A 96 19.32 -2.13 -6.28
N VAL A 97 18.78 -1.77 -7.44
CA VAL A 97 18.76 -0.39 -7.90
C VAL A 97 17.36 0.16 -7.70
N ALA A 98 17.28 1.47 -7.57
CA ALA A 98 16.01 2.11 -7.24
C ALA A 98 15.17 2.46 -8.45
N GLN A 99 15.79 2.75 -9.59
CA GLN A 99 15.06 3.27 -10.74
C GLN A 99 14.32 2.20 -11.52
N LEU A 100 14.96 1.06 -11.77
CA LEU A 100 14.27 0.00 -12.52
C LEU A 100 13.31 -0.78 -11.64
N ARG A 101 13.59 -0.85 -10.33
CA ARG A 101 12.67 -1.50 -9.41
C ARG A 101 11.34 -0.75 -9.30
N ARG A 102 11.38 0.57 -9.31
CA ARG A 102 10.14 1.34 -9.24
C ARG A 102 9.35 1.28 -10.54
N LYS A 103 10.01 1.05 -11.67
CA LYS A 103 9.31 0.97 -12.94
C LYS A 103 8.62 -0.36 -13.11
N LEU A 104 9.30 -1.46 -12.76
CA LEU A 104 8.70 -2.78 -12.87
C LEU A 104 7.60 -3.01 -11.84
N GLU A 105 7.62 -2.30 -10.71
CA GLU A 105 6.63 -2.48 -9.67
C GLU A 105 5.44 -1.55 -9.80
N LEU A 106 5.16 -1.08 -11.01
CA LEU A 106 3.86 -0.49 -11.31
C LEU A 106 2.85 -1.54 -11.73
N PHE A 107 3.30 -2.79 -11.91
CA PHE A 107 2.45 -3.89 -12.34
C PHE A 107 2.77 -5.10 -11.47
N THR A 108 1.76 -5.92 -11.24
CA THR A 108 1.93 -7.14 -10.46
C THR A 108 2.58 -8.27 -11.25
N TYR A 109 2.20 -8.45 -12.50
CA TYR A 109 2.72 -9.53 -13.32
C TYR A 109 3.27 -8.96 -14.62
N LEU A 110 4.42 -9.50 -15.03
CA LEU A 110 5.10 -9.07 -16.24
C LEU A 110 5.61 -10.29 -17.00
N ARG A 111 5.78 -10.11 -18.31
CA ARG A 111 6.26 -11.19 -19.17
C ARG A 111 7.01 -10.53 -20.32
N PHE A 112 8.31 -10.76 -20.41
CA PHE A 112 9.10 -10.10 -21.44
C PHE A 112 10.29 -10.96 -21.81
N ASP A 113 10.80 -10.74 -23.02
CA ASP A 113 12.15 -11.16 -23.38
C ASP A 113 13.14 -10.12 -22.88
N LEU A 114 14.41 -10.48 -22.87
CA LEU A 114 15.43 -9.65 -22.25
C LEU A 114 16.63 -9.48 -23.17
N GLU A 115 17.18 -8.28 -23.17
CA GLU A 115 18.43 -7.98 -23.85
C GLU A 115 19.44 -7.56 -22.80
N LEU A 116 20.62 -8.17 -22.84
CA LEU A 116 21.63 -8.03 -21.80
C LEU A 116 22.86 -7.37 -22.39
N THR A 117 23.39 -6.37 -21.69
CA THR A 117 24.55 -5.62 -22.18
C THR A 117 25.52 -5.42 -21.03
N PHE A 118 26.81 -5.62 -21.30
CA PHE A 118 27.87 -5.48 -20.30
C PHE A 118 28.82 -4.37 -20.71
N VAL A 119 29.22 -3.54 -19.76
CA VAL A 119 30.18 -2.47 -19.98
C VAL A 119 31.34 -2.70 -19.03
N ILE A 120 32.50 -3.08 -19.57
CA ILE A 120 33.64 -3.51 -18.78
C ILE A 120 34.78 -2.52 -18.98
N THR A 121 35.28 -1.97 -17.89
CA THR A 121 36.41 -1.06 -17.86
C THR A 121 37.49 -1.62 -16.97
N SER A 122 38.64 -0.94 -16.93
CA SER A 122 39.74 -1.38 -16.08
C SER A 122 40.50 -0.16 -15.56
N ALA A 123 41.32 -0.40 -14.54
CA ALA A 123 42.13 0.64 -13.94
C ALA A 123 43.44 0.01 -13.45
N GLN A 124 44.50 0.81 -13.48
CA GLN A 124 45.83 0.35 -13.10
C GLN A 124 46.07 0.63 -11.62
N GLN A 125 46.46 -0.40 -10.90
CA GLN A 125 46.69 -0.38 -9.47
C GLN A 125 48.16 -0.08 -9.16
N PRO A 126 48.46 0.48 -7.97
CA PRO A 126 49.83 0.98 -7.73
C PRO A 126 50.89 -0.10 -7.54
N SER A 127 51.44 -0.58 -8.64
CA SER A 127 52.51 -1.56 -8.63
C SER A 127 53.84 -0.91 -8.26
N THR A 128 54.90 -1.72 -8.26
CA THR A 128 56.24 -1.26 -7.92
C THR A 128 57.29 -1.61 -8.96
N ALA A 129 56.95 -2.36 -10.00
CA ALA A 129 57.89 -2.74 -11.03
C ALA A 129 58.18 -1.58 -11.97
N SER A 130 59.32 -1.65 -12.65
CA SER A 130 59.74 -0.63 -13.59
C SER A 130 59.27 -1.00 -14.99
N SER A 131 58.76 0.02 -15.69
CA SER A 131 58.32 -0.05 -17.09
C SER A 131 57.24 -1.11 -17.29
N VAL A 132 56.08 -0.85 -16.70
CA VAL A 132 54.88 -1.66 -16.92
C VAL A 132 54.41 -1.43 -18.34
N ASP A 133 54.38 -2.50 -19.13
CA ASP A 133 53.81 -2.45 -20.48
C ASP A 133 52.85 -3.62 -20.58
N ALA A 134 51.55 -3.35 -20.45
CA ALA A 134 50.58 -4.41 -20.38
C ALA A 134 49.93 -4.66 -21.74
N PRO A 135 49.67 -5.92 -22.10
CA PRO A 135 48.90 -6.19 -23.30
C PRO A 135 47.41 -5.91 -23.12
N VAL A 136 46.61 -6.20 -24.15
CA VAL A 136 45.18 -5.96 -24.08
C VAL A 136 44.53 -7.05 -23.23
N GLN A 137 43.53 -6.66 -22.45
CA GLN A 137 42.90 -7.57 -21.50
C GLN A 137 41.70 -8.26 -22.11
N THR A 138 41.48 -9.52 -21.72
CA THR A 138 40.34 -10.30 -22.16
C THR A 138 39.61 -10.84 -20.93
N HIS A 139 38.29 -10.70 -20.94
CA HIS A 139 37.45 -11.08 -19.81
C HIS A 139 36.51 -12.20 -20.21
N GLN A 140 36.03 -12.94 -19.21
CA GLN A 140 35.03 -13.97 -19.40
C GLN A 140 33.88 -13.74 -18.44
N ILE A 141 32.65 -13.79 -18.95
CA ILE A 141 31.44 -13.70 -18.15
C ILE A 141 30.67 -15.00 -18.32
N MET A 142 30.53 -15.75 -17.24
CA MET A 142 29.92 -17.08 -17.28
C MET A 142 28.63 -17.08 -16.46
N TYR A 143 27.59 -17.66 -17.04
CA TYR A 143 26.29 -17.78 -16.39
C TYR A 143 26.06 -19.24 -15.98
N VAL A 144 25.77 -19.45 -14.71
CA VAL A 144 25.54 -20.76 -14.14
C VAL A 144 24.07 -20.83 -13.73
N PRO A 145 23.26 -21.69 -14.35
CA PRO A 145 21.87 -21.87 -13.91
C PRO A 145 21.82 -22.56 -12.56
N PRO A 146 20.70 -22.45 -11.82
CA PRO A 146 20.65 -23.00 -10.45
C PRO A 146 20.73 -24.52 -10.43
N GLY A 147 21.76 -25.04 -9.78
CA GLY A 147 22.00 -26.47 -9.68
C GLY A 147 23.35 -26.91 -10.21
N GLY A 148 24.04 -26.07 -10.98
CA GLY A 148 25.29 -26.45 -11.58
C GLY A 148 26.47 -26.27 -10.65
N PRO A 149 27.67 -26.46 -11.18
CA PRO A 149 28.89 -26.26 -10.38
C PRO A 149 29.33 -24.81 -10.37
N VAL A 150 29.89 -24.38 -9.24
CA VAL A 150 30.27 -23.00 -9.06
C VAL A 150 31.79 -22.87 -8.97
N PRO A 151 32.39 -21.81 -9.50
CA PRO A 151 33.84 -21.64 -9.37
C PRO A 151 34.23 -21.21 -7.96
N THR A 152 35.36 -21.73 -7.49
CA THR A 152 35.89 -21.38 -6.19
C THR A 152 37.20 -20.62 -6.25
N LYS A 153 37.92 -20.68 -7.37
CA LYS A 153 39.10 -19.86 -7.59
C LYS A 153 39.14 -19.48 -9.06
N VAL A 154 40.15 -18.70 -9.44
CA VAL A 154 40.23 -18.20 -10.81
C VAL A 154 40.70 -19.29 -11.76
N LYS A 155 41.74 -20.03 -11.39
CA LYS A 155 42.25 -21.12 -12.21
C LYS A 155 41.57 -22.40 -11.73
N ASP A 156 40.37 -22.63 -12.25
CA ASP A 156 39.50 -23.70 -11.81
C ASP A 156 39.02 -24.49 -13.01
N TYR A 157 38.57 -25.72 -12.77
CA TYR A 157 38.02 -26.54 -13.83
C TYR A 157 36.64 -26.05 -14.26
N ALA A 158 35.96 -25.29 -13.40
CA ALA A 158 34.57 -24.94 -13.63
C ALA A 158 34.37 -23.95 -14.76
N TRP A 159 35.42 -23.27 -15.20
CA TRP A 159 35.33 -22.32 -16.31
C TRP A 159 35.45 -22.99 -17.67
N GLN A 160 35.39 -24.32 -17.72
CA GLN A 160 35.49 -25.05 -18.99
C GLN A 160 34.27 -24.83 -19.88
N THR A 161 33.13 -24.41 -19.28
CA THR A 161 31.84 -24.06 -19.91
C THR A 161 31.44 -25.00 -21.05
N SER A 162 31.26 -26.27 -20.71
CA SER A 162 30.82 -27.24 -21.70
C SER A 162 29.36 -27.02 -22.08
N THR A 163 28.50 -26.77 -21.08
CA THR A 163 27.08 -26.57 -21.34
C THR A 163 26.57 -25.21 -20.86
N ASN A 164 27.18 -24.60 -19.85
CA ASN A 164 26.79 -23.26 -19.42
C ASN A 164 27.12 -22.24 -20.50
N PRO A 165 26.24 -21.27 -20.76
CA PRO A 165 26.57 -20.23 -21.73
C PRO A 165 27.51 -19.19 -21.13
N SER A 166 28.52 -18.80 -21.90
CA SER A 166 29.48 -17.79 -21.48
C SER A 166 29.84 -16.92 -22.66
N VAL A 167 30.57 -15.84 -22.40
CA VAL A 167 30.98 -14.91 -23.43
C VAL A 167 32.37 -14.39 -23.12
N PHE A 168 33.19 -14.25 -24.16
CA PHE A 168 34.53 -13.71 -24.07
C PHE A 168 34.58 -12.36 -24.79
N TRP A 169 35.38 -11.45 -24.27
CA TRP A 169 35.42 -10.10 -24.81
C TRP A 169 36.78 -9.47 -24.57
N THR A 170 37.29 -8.79 -25.59
CA THR A 170 38.60 -8.15 -25.55
C THR A 170 38.40 -6.64 -25.46
N GLU A 171 39.22 -6.00 -24.62
CA GLU A 171 39.04 -4.57 -24.33
C GLU A 171 39.36 -3.72 -25.55
N GLY A 172 38.57 -2.67 -25.75
CA GLY A 172 38.72 -1.79 -26.88
C GLY A 172 37.73 -2.00 -28.00
N ASN A 173 36.65 -2.74 -27.78
CA ASN A 173 35.70 -3.06 -28.82
C ASN A 173 34.29 -2.63 -28.44
N ALA A 174 33.30 -3.04 -29.22
CA ALA A 174 31.91 -2.85 -28.86
C ALA A 174 31.57 -3.68 -27.63
N PRO A 175 30.61 -3.23 -26.82
CA PRO A 175 30.23 -4.02 -25.65
C PRO A 175 29.51 -5.29 -26.05
N PRO A 176 29.61 -6.35 -25.24
CA PRO A 176 28.94 -7.60 -25.58
C PRO A 176 27.45 -7.54 -25.30
N ARG A 177 26.69 -8.24 -26.13
CA ARG A 177 25.24 -8.18 -26.06
C ARG A 177 24.63 -9.48 -26.57
N MET A 178 23.63 -9.97 -25.85
CA MET A 178 22.91 -11.18 -26.25
C MET A 178 21.50 -11.12 -25.68
N SER A 179 20.61 -11.90 -26.26
CA SER A 179 19.21 -11.93 -25.87
C SER A 179 18.91 -13.15 -25.00
N ILE A 180 17.90 -13.00 -24.14
CA ILE A 180 17.43 -14.06 -23.27
C ILE A 180 15.92 -14.18 -23.45
N PRO A 181 15.37 -15.37 -23.70
CA PRO A 181 13.92 -15.51 -23.80
C PRO A 181 13.22 -15.47 -22.46
N PHE A 182 11.90 -15.66 -22.44
CA PHE A 182 11.13 -15.64 -21.20
C PHE A 182 11.42 -16.93 -20.44
N ILE A 183 12.37 -16.86 -19.52
CA ILE A 183 12.71 -18.01 -18.69
C ILE A 183 11.92 -17.91 -17.39
N SER A 184 11.03 -18.88 -17.18
CA SER A 184 10.28 -18.99 -15.94
C SER A 184 9.68 -20.37 -15.86
N ILE A 185 9.24 -20.74 -14.66
CA ILE A 185 8.45 -21.94 -14.47
C ILE A 185 6.97 -21.63 -14.39
N GLY A 186 6.63 -20.37 -14.12
CA GLY A 186 5.27 -19.91 -14.15
C GLY A 186 4.91 -19.30 -15.50
N ASN A 187 3.74 -18.67 -15.54
CA ASN A 187 3.24 -18.07 -16.77
C ASN A 187 3.60 -16.60 -16.90
N ALA A 188 4.11 -15.99 -15.84
CA ALA A 188 4.53 -14.60 -15.85
C ALA A 188 5.53 -14.39 -14.72
N TYR A 189 6.31 -13.31 -14.84
CA TYR A 189 7.15 -12.90 -13.72
C TYR A 189 6.29 -12.23 -12.66
N SER A 190 6.66 -12.46 -11.40
CA SER A 190 5.94 -11.89 -10.27
C SER A 190 6.81 -10.84 -9.61
N CYS A 191 6.28 -9.62 -9.49
CA CYS A 191 6.98 -8.59 -8.73
C CYS A 191 6.66 -8.63 -7.26
N PHE A 192 5.51 -9.20 -6.89
CA PHE A 192 5.05 -9.27 -5.51
C PHE A 192 4.53 -10.68 -5.24
N TYR A 193 4.87 -11.22 -4.07
CA TYR A 193 4.41 -12.53 -3.64
C TYR A 193 3.97 -12.44 -2.18
N ASP A 194 2.68 -12.67 -1.94
CA ASP A 194 2.12 -12.61 -0.60
C ASP A 194 1.98 -14.04 -0.08
N GLY A 195 3.12 -14.63 0.31
CA GLY A 195 3.09 -15.99 0.79
C GLY A 195 4.45 -16.45 1.25
N TRP A 196 4.52 -17.72 1.61
CA TRP A 196 5.71 -18.34 2.18
C TRP A 196 6.24 -19.43 1.26
N THR A 197 7.47 -19.85 1.54
CA THR A 197 8.08 -20.96 0.82
C THR A 197 7.77 -22.32 1.43
N GLN A 198 7.29 -22.35 2.68
CA GLN A 198 6.99 -23.59 3.37
C GLN A 198 5.50 -23.67 3.66
N PHE A 199 5.02 -24.91 3.78
CA PHE A 199 3.60 -25.13 4.04
C PHE A 199 3.23 -24.88 5.49
N SER A 200 4.22 -24.85 6.39
CA SER A 200 3.98 -24.57 7.79
C SER A 200 4.00 -23.07 8.10
N ARG A 201 4.13 -22.23 7.07
CA ARG A 201 4.09 -20.76 7.16
C ARG A 201 5.18 -20.21 8.08
N ASN A 202 6.39 -20.71 7.89
CA ASN A 202 7.55 -20.26 8.66
C ASN A 202 8.66 -19.85 7.70
N GLY A 203 9.59 -19.06 8.22
CA GLY A 203 10.80 -18.78 7.49
C GLY A 203 10.64 -17.61 6.54
N VAL A 204 10.98 -17.84 5.27
CA VAL A 204 11.05 -16.76 4.29
C VAL A 204 9.66 -16.40 3.82
N TYR A 205 9.32 -15.12 3.92
CA TYR A 205 8.05 -14.58 3.45
C TYR A 205 8.33 -13.54 2.40
N GLY A 206 7.68 -13.66 1.24
CA GLY A 206 7.78 -12.62 0.25
C GLY A 206 8.32 -13.04 -1.10
N ILE A 207 8.84 -12.08 -1.86
CA ILE A 207 9.23 -12.31 -3.25
C ILE A 207 10.52 -13.11 -3.38
N ASN A 208 11.29 -13.27 -2.29
CA ASN A 208 12.53 -14.04 -2.38
C ASN A 208 12.29 -15.54 -2.57
N THR A 209 11.10 -16.04 -2.28
CA THR A 209 10.81 -17.44 -2.51
C THR A 209 10.68 -17.78 -3.99
N LEU A 210 10.23 -16.84 -4.81
CA LEU A 210 10.07 -17.06 -6.24
C LEU A 210 11.30 -16.69 -7.05
N ASN A 211 12.29 -16.05 -6.45
CA ASN A 211 13.48 -15.63 -7.18
C ASN A 211 14.47 -16.78 -7.24
N ASN A 212 14.59 -17.40 -8.43
CA ASN A 212 15.58 -18.43 -8.69
C ASN A 212 15.97 -18.30 -10.16
N MET A 213 17.03 -17.53 -10.42
CA MET A 213 17.40 -17.20 -11.79
C MET A 213 18.83 -17.53 -12.15
N GLY A 214 19.68 -17.84 -11.18
CA GLY A 214 21.05 -18.23 -11.46
C GLY A 214 22.04 -17.21 -10.95
N THR A 215 23.31 -17.45 -11.28
CA THR A 215 24.43 -16.66 -10.77
C THR A 215 25.34 -16.34 -11.94
N LEU A 216 25.91 -15.13 -11.92
CA LEU A 216 26.82 -14.65 -12.95
C LEU A 216 28.22 -14.58 -12.38
N TYR A 217 29.20 -15.05 -13.16
CA TYR A 217 30.59 -15.09 -12.74
C TYR A 217 31.45 -14.34 -13.75
N MET A 218 32.42 -13.57 -13.24
CA MET A 218 33.27 -12.71 -14.05
C MET A 218 34.71 -12.90 -13.63
N ARG A 219 35.64 -12.89 -14.60
CA ARG A 219 37.05 -13.06 -14.29
C ARG A 219 37.90 -12.49 -15.42
N HIS A 220 39.20 -12.46 -15.18
CA HIS A 220 40.19 -12.18 -16.21
C HIS A 220 40.69 -13.49 -16.81
N VAL A 221 40.79 -13.53 -18.14
CA VAL A 221 41.35 -14.70 -18.79
C VAL A 221 42.88 -14.61 -18.89
N ASN A 222 43.42 -13.40 -19.00
CA ASN A 222 44.86 -13.20 -19.00
C ASN A 222 45.42 -13.47 -17.60
N GLU A 223 46.72 -13.71 -17.54
CA GLU A 223 47.42 -13.89 -16.27
C GLU A 223 47.97 -12.55 -15.79
N ALA A 224 48.29 -12.51 -14.50
CA ALA A 224 48.84 -11.31 -13.88
C ALA A 224 50.28 -11.14 -14.36
N GLY A 225 50.49 -10.26 -15.33
CA GLY A 225 51.79 -10.12 -15.95
C GLY A 225 52.86 -9.48 -15.10
N GLN A 226 52.74 -8.18 -14.84
CA GLN A 226 53.73 -7.48 -14.04
C GLN A 226 53.15 -6.43 -13.11
N GLY A 227 51.83 -6.27 -13.08
CA GLY A 227 51.20 -5.29 -12.24
C GLY A 227 49.73 -5.59 -12.08
N PRO A 228 49.15 -5.23 -10.94
CA PRO A 228 47.73 -5.50 -10.72
C PRO A 228 46.83 -4.60 -11.56
N ILE A 229 45.69 -5.17 -11.96
CA ILE A 229 44.70 -4.49 -12.79
C ILE A 229 43.32 -4.81 -12.21
N LYS A 230 42.53 -3.78 -11.94
CA LYS A 230 41.26 -3.92 -11.26
C LYS A 230 40.14 -3.51 -12.19
N SER A 231 39.27 -4.47 -12.53
CA SER A 231 38.24 -4.28 -13.55
C SER A 231 36.86 -4.15 -12.91
N THR A 232 35.94 -3.54 -13.67
CA THR A 232 34.58 -3.28 -13.22
C THR A 232 33.63 -3.51 -14.37
N VAL A 233 32.62 -4.35 -14.16
CA VAL A 233 31.64 -4.68 -15.18
C VAL A 233 30.27 -4.15 -14.74
N ARG A 234 29.58 -3.48 -15.67
CA ARG A 234 28.25 -2.93 -15.40
C ARG A 234 27.23 -3.67 -16.25
N ILE A 235 26.09 -3.98 -15.65
CA ILE A 235 25.08 -4.85 -16.24
C ILE A 235 23.83 -4.04 -16.56
N TYR A 236 23.28 -4.23 -17.75
CA TYR A 236 22.16 -3.43 -18.24
C TYR A 236 21.03 -4.34 -18.71
N PHE A 237 19.82 -4.06 -18.24
CA PHE A 237 18.62 -4.84 -18.58
C PHE A 237 17.74 -4.04 -19.54
N LYS A 238 17.15 -4.73 -20.51
CA LYS A 238 16.30 -4.09 -21.52
C LYS A 238 15.18 -5.03 -21.90
N PRO A 239 13.97 -4.83 -21.36
CA PRO A 239 12.87 -5.76 -21.63
C PRO A 239 12.27 -5.53 -23.01
N LYS A 240 12.10 -6.61 -23.76
CA LYS A 240 11.43 -6.58 -25.06
C LYS A 240 10.23 -7.50 -25.05
N HIS A 241 9.26 -7.18 -25.91
CA HIS A 241 8.02 -7.95 -26.13
C HIS A 241 7.23 -8.12 -24.83
N VAL A 242 6.90 -6.98 -24.23
CA VAL A 242 6.40 -6.92 -22.86
C VAL A 242 4.89 -7.11 -22.84
N LYS A 243 4.41 -7.86 -21.85
CA LYS A 243 3.00 -7.91 -21.47
C LYS A 243 2.90 -7.69 -19.98
N ALA A 244 1.86 -6.95 -19.57
CA ALA A 244 1.73 -6.54 -18.17
C ALA A 244 0.27 -6.60 -17.74
N TRP A 245 0.06 -7.04 -16.50
CA TRP A 245 -1.28 -7.20 -15.93
C TRP A 245 -1.31 -6.58 -14.55
N VAL A 246 -2.52 -6.19 -14.13
CA VAL A 246 -2.86 -5.73 -12.78
C VAL A 246 -1.99 -4.56 -12.32
N PRO A 247 -2.29 -3.33 -12.75
CA PRO A 247 -1.49 -2.18 -12.33
C PRO A 247 -1.60 -1.92 -10.83
N ARG A 248 -0.61 -1.20 -10.32
CA ARG A 248 -0.25 -1.13 -8.91
C ARG A 248 0.15 0.32 -8.64
N PRO A 249 -0.15 0.86 -7.45
CA PRO A 249 0.24 2.24 -7.16
C PRO A 249 1.75 2.38 -7.09
N PRO A 250 2.29 3.55 -7.43
CA PRO A 250 3.73 3.74 -7.39
C PRO A 250 4.24 3.83 -5.96
N ARG A 251 5.54 3.53 -5.82
CA ARG A 251 6.16 3.49 -4.51
C ARG A 251 6.34 4.91 -3.97
N LEU A 252 5.76 5.15 -2.79
CA LEU A 252 5.85 6.47 -2.16
C LEU A 252 7.07 6.57 -1.26
N CYS A 253 7.30 5.56 -0.43
CA CYS A 253 8.43 5.57 0.49
C CYS A 253 9.72 5.24 -0.24
N GLN A 254 10.82 5.27 0.50
CA GLN A 254 12.10 4.89 -0.06
C GLN A 254 12.38 3.42 0.26
N TYR A 255 13.09 2.76 -0.66
CA TYR A 255 13.44 1.36 -0.46
C TYR A 255 14.54 1.24 0.58
N GLU A 256 14.50 0.14 1.32
CA GLU A 256 15.48 -0.12 2.38
C GLU A 256 16.30 -1.37 2.13
N LYS A 257 15.65 -2.49 1.79
CA LYS A 257 16.31 -3.77 1.62
C LYS A 257 15.98 -4.33 0.25
N GLN A 258 16.65 -5.43 -0.09
CA GLN A 258 16.47 -6.13 -1.35
C GLN A 258 15.41 -7.22 -1.29
N LYS A 259 15.39 -7.97 -0.19
CA LYS A 259 14.58 -9.18 -0.11
C LYS A 259 13.11 -8.91 0.14
N ASN A 260 12.74 -7.74 0.63
CA ASN A 260 11.38 -7.48 1.07
C ASN A 260 11.00 -6.03 0.79
N VAL A 261 9.81 -5.65 1.23
CA VAL A 261 9.24 -4.34 0.92
C VAL A 261 9.09 -3.51 2.19
N ASN A 262 10.02 -3.71 3.12
CA ASN A 262 10.00 -2.95 4.37
C ASN A 262 10.31 -1.49 4.11
N PHE A 263 9.77 -0.62 4.97
CA PHE A 263 9.87 0.82 4.78
C PHE A 263 9.76 1.51 6.12
N SER A 264 10.00 2.81 6.11
CA SER A 264 9.67 3.70 7.20
C SER A 264 8.64 4.72 6.72
N PRO A 265 7.62 5.02 7.53
CA PRO A 265 6.51 5.85 7.04
C PRO A 265 6.90 7.29 6.79
N ILE A 266 6.19 7.91 5.86
CA ILE A 266 6.44 9.28 5.42
C ILE A 266 5.10 9.89 4.99
N GLY A 267 5.06 11.21 4.94
CA GLY A 267 3.84 11.90 4.54
C GLY A 267 3.52 11.71 3.08
N VAL A 268 2.24 11.94 2.75
CA VAL A 268 1.76 11.61 1.40
C VAL A 268 2.16 12.67 0.39
N THR A 269 2.26 13.93 0.82
CA THR A 269 2.81 15.00 0.00
C THR A 269 3.74 15.83 0.88
N THR A 270 4.19 16.95 0.34
CA THR A 270 4.87 17.96 1.14
C THR A 270 3.89 19.04 1.55
N SER A 271 4.33 19.89 2.47
CA SER A 271 3.47 20.83 3.15
C SER A 271 3.24 22.10 2.34
N ARG A 272 2.11 22.74 2.59
CA ARG A 272 1.90 24.14 2.24
C ARG A 272 1.22 24.80 3.44
N THR A 273 1.16 26.12 3.45
CA THR A 273 0.83 26.82 4.69
C THR A 273 -0.66 26.99 4.93
N ASP A 274 -1.49 26.88 3.89
CA ASP A 274 -2.92 27.14 4.04
C ASP A 274 -3.64 26.51 2.85
N ILE A 275 -4.91 26.17 3.04
CA ILE A 275 -5.67 25.44 2.05
C ILE A 275 -6.02 26.31 0.83
N ILE A 276 -5.95 27.63 0.94
CA ILE A 276 -6.21 28.51 -0.20
C ILE A 276 -4.93 29.10 -0.78
N THR A 277 -3.77 28.65 -0.30
CA THR A 277 -2.49 29.18 -0.76
C THR A 277 -2.21 28.73 -2.18
N THR A 278 -1.98 29.69 -3.07
CA THR A 278 -1.68 29.41 -4.46
C THR A 278 -0.27 29.84 -4.82
N SER B 10 -35.94 0.97 -10.84
CA SER B 10 -35.17 1.35 -9.67
C SER B 10 -33.86 0.58 -9.59
N ASP B 11 -32.75 1.31 -9.69
CA ASP B 11 -31.42 0.73 -9.60
C ASP B 11 -30.97 0.50 -8.17
N ARG B 12 -31.80 0.87 -7.19
CA ARG B 12 -31.39 0.89 -5.79
C ARG B 12 -31.48 -0.46 -5.11
N VAL B 13 -32.09 -1.46 -5.75
CA VAL B 13 -32.32 -2.76 -5.12
C VAL B 13 -31.56 -3.84 -5.87
N ARG B 14 -31.04 -4.82 -5.14
CA ARG B 14 -30.39 -6.00 -5.71
C ARG B 14 -30.80 -7.23 -4.94
N SER B 15 -30.49 -8.39 -5.52
CA SER B 15 -30.69 -9.67 -4.85
C SER B 15 -29.68 -10.65 -5.43
N ILE B 16 -28.85 -11.23 -4.56
CA ILE B 16 -27.81 -12.17 -4.97
C ILE B 16 -28.13 -13.52 -4.34
N THR B 17 -28.18 -14.56 -5.16
CA THR B 17 -28.50 -15.91 -4.72
C THR B 17 -27.35 -16.82 -5.08
N LEU B 18 -26.78 -17.49 -4.08
CA LEU B 18 -25.67 -18.40 -4.29
C LEU B 18 -25.81 -19.56 -3.32
N GLY B 19 -26.22 -20.72 -3.82
CA GLY B 19 -26.41 -21.88 -2.97
C GLY B 19 -27.72 -21.84 -2.22
N ASN B 20 -27.68 -21.99 -0.91
CA ASN B 20 -28.86 -21.91 -0.07
C ASN B 20 -28.94 -20.60 0.70
N SER B 21 -28.25 -19.57 0.21
CA SER B 21 -28.19 -18.29 0.88
C SER B 21 -28.58 -17.19 -0.08
N THR B 22 -29.17 -16.12 0.45
CA THR B 22 -29.67 -15.01 -0.35
C THR B 22 -29.35 -13.71 0.36
N ILE B 23 -28.86 -12.74 -0.41
CA ILE B 23 -28.57 -11.39 0.08
C ILE B 23 -29.60 -10.44 -0.52
N THR B 24 -30.23 -9.65 0.34
CA THR B 24 -31.23 -8.68 -0.08
C THR B 24 -30.77 -7.29 0.31
N THR B 25 -30.78 -6.37 -0.66
CA THR B 25 -30.29 -5.01 -0.45
C THR B 25 -31.31 -4.03 -1.03
N GLN B 26 -31.67 -3.02 -0.25
CA GLN B 26 -32.64 -2.03 -0.65
C GLN B 26 -32.02 -0.69 -1.03
N GLU B 27 -30.74 -0.49 -0.72
CA GLU B 27 -30.08 0.78 -0.97
C GLU B 27 -28.64 0.45 -1.32
N CYS B 28 -28.26 0.65 -2.59
CA CYS B 28 -26.93 0.27 -3.00
C CYS B 28 -26.51 1.06 -4.23
N ALA B 29 -25.22 1.00 -4.51
CA ALA B 29 -24.64 1.49 -5.74
C ALA B 29 -24.71 0.36 -6.78
N ASN B 30 -23.94 0.48 -7.85
CA ASN B 30 -23.85 -0.60 -8.82
C ASN B 30 -23.02 -1.76 -8.25
N VAL B 31 -22.81 -2.79 -9.06
CA VAL B 31 -21.98 -3.94 -8.69
C VAL B 31 -20.70 -3.87 -9.51
N VAL B 32 -19.57 -3.92 -8.84
CA VAL B 32 -18.27 -3.84 -9.49
C VAL B 32 -17.81 -5.26 -9.80
N VAL B 33 -17.50 -5.52 -11.07
CA VAL B 33 -17.05 -6.83 -11.50
C VAL B 33 -15.58 -6.77 -11.88
N GLY B 34 -14.71 -7.02 -10.90
CA GLY B 34 -13.29 -7.30 -11.07
C GLY B 34 -12.49 -6.41 -11.98
N TYR B 35 -12.00 -7.00 -13.06
CA TYR B 35 -11.42 -6.28 -14.19
C TYR B 35 -12.28 -6.47 -15.43
N GLY B 36 -13.59 -6.50 -15.25
CA GLY B 36 -14.53 -6.82 -16.30
C GLY B 36 -14.71 -8.30 -16.58
N VAL B 37 -14.08 -9.17 -15.80
CA VAL B 37 -14.10 -10.61 -16.03
C VAL B 37 -14.97 -11.27 -14.97
N TRP B 38 -15.85 -12.16 -15.41
CA TRP B 38 -16.64 -12.97 -14.49
C TRP B 38 -15.90 -14.25 -14.15
N PRO B 39 -16.01 -14.74 -12.91
CA PRO B 39 -15.32 -15.99 -12.56
C PRO B 39 -15.92 -17.21 -13.27
N GLU B 40 -15.04 -18.02 -13.83
CA GLU B 40 -15.43 -19.23 -14.56
C GLU B 40 -14.44 -20.35 -14.23
N TYR B 41 -14.74 -21.54 -14.73
CA TYR B 41 -13.92 -22.70 -14.48
C TYR B 41 -12.69 -22.71 -15.38
N LEU B 42 -11.71 -23.54 -15.02
CA LEU B 42 -10.47 -23.63 -15.76
C LEU B 42 -10.67 -24.42 -17.05
N LYS B 43 -10.13 -23.90 -18.14
CA LYS B 43 -10.27 -24.54 -19.45
C LYS B 43 -9.25 -25.65 -19.62
N ASP B 44 -9.41 -26.40 -20.71
CA ASP B 44 -8.52 -27.53 -20.97
C ASP B 44 -7.18 -27.11 -21.54
N ASN B 45 -7.13 -25.98 -22.24
CA ASN B 45 -5.86 -25.51 -22.81
C ASN B 45 -5.03 -24.72 -21.81
N GLU B 46 -5.59 -24.38 -20.66
CA GLU B 46 -4.83 -23.69 -19.62
C GLU B 46 -4.51 -24.57 -18.42
N ALA B 47 -5.00 -25.80 -18.38
CA ALA B 47 -4.79 -26.66 -17.24
C ALA B 47 -3.41 -27.29 -17.25
N THR B 48 -2.92 -27.63 -16.07
CA THR B 48 -1.63 -28.28 -15.89
C THR B 48 -1.73 -29.66 -15.27
N ALA B 49 -2.40 -29.78 -14.12
CA ALA B 49 -2.53 -31.06 -13.45
C ALA B 49 -3.48 -31.96 -14.23
N GLU B 50 -3.18 -33.25 -14.26
CA GLU B 50 -3.80 -34.17 -15.20
C GLU B 50 -4.95 -34.97 -14.60
N ASP B 51 -5.12 -34.96 -13.28
CA ASP B 51 -6.21 -35.69 -12.66
C ASP B 51 -7.46 -34.83 -12.63
N GLN B 52 -8.58 -35.49 -12.36
CA GLN B 52 -9.87 -34.81 -12.48
C GLN B 52 -10.13 -33.93 -11.26
N PRO B 53 -10.48 -32.67 -11.45
CA PRO B 53 -10.75 -31.80 -10.30
C PRO B 53 -12.12 -32.06 -9.70
N THR B 54 -12.23 -31.71 -8.41
CA THR B 54 -13.48 -31.80 -7.68
C THR B 54 -14.25 -30.51 -7.87
N GLN B 55 -15.57 -30.60 -7.96
CA GLN B 55 -16.44 -29.43 -8.06
C GLN B 55 -17.64 -29.64 -7.14
N PRO B 56 -17.60 -29.10 -5.92
CA PRO B 56 -18.73 -29.30 -5.00
C PRO B 56 -19.97 -28.51 -5.38
N ASP B 57 -19.79 -27.25 -5.77
CA ASP B 57 -20.71 -26.39 -6.53
C ASP B 57 -21.91 -25.87 -5.75
N VAL B 58 -22.24 -26.48 -4.60
CA VAL B 58 -23.22 -25.90 -3.69
C VAL B 58 -22.75 -25.89 -2.26
N ALA B 59 -21.86 -26.80 -1.85
CA ALA B 59 -21.42 -26.86 -0.47
C ALA B 59 -20.33 -25.85 -0.17
N THR B 60 -19.68 -25.34 -1.21
CA THR B 60 -18.61 -24.36 -1.08
C THR B 60 -18.98 -22.99 -1.61
N CYS B 61 -19.79 -22.94 -2.66
CA CYS B 61 -20.14 -21.68 -3.30
C CYS B 61 -21.41 -21.13 -2.65
N ARG B 62 -21.23 -20.52 -1.49
CA ARG B 62 -22.33 -19.95 -0.71
C ARG B 62 -21.76 -18.83 0.14
N PHE B 63 -22.66 -18.06 0.76
CA PHE B 63 -22.25 -16.89 1.53
C PHE B 63 -21.86 -17.30 2.95
N TYR B 64 -20.63 -16.97 3.33
CA TYR B 64 -20.15 -17.12 4.70
C TYR B 64 -19.97 -15.74 5.31
N THR B 65 -20.37 -15.58 6.56
CA THR B 65 -20.31 -14.31 7.25
C THR B 65 -19.24 -14.37 8.33
N LEU B 66 -18.33 -13.38 8.32
CA LEU B 66 -17.26 -13.32 9.29
C LEU B 66 -17.75 -12.67 10.58
N GLU B 67 -16.81 -12.34 11.47
CA GLU B 67 -17.14 -11.57 12.65
C GLU B 67 -17.42 -10.12 12.28
N SER B 68 -18.01 -9.38 13.20
CA SER B 68 -18.29 -7.97 12.99
C SER B 68 -17.32 -7.11 13.78
N VAL B 69 -16.95 -5.99 13.18
CA VAL B 69 -16.13 -4.98 13.82
C VAL B 69 -17.02 -3.78 14.12
N GLN B 70 -16.54 -2.91 14.99
CA GLN B 70 -17.28 -1.72 15.39
C GLN B 70 -16.59 -0.49 14.84
N TRP B 71 -17.35 0.35 14.15
CA TRP B 71 -16.85 1.60 13.61
C TRP B 71 -16.93 2.65 14.70
N MET B 72 -15.80 3.29 14.99
CA MET B 72 -15.72 4.33 16.01
C MET B 72 -15.42 5.68 15.38
N LYS B 73 -15.42 6.71 16.24
CA LYS B 73 -15.18 8.06 15.75
C LYS B 73 -13.71 8.27 15.42
N ASN B 74 -12.83 7.47 16.02
CA ASN B 74 -11.39 7.57 15.78
C ASN B 74 -10.80 6.25 15.28
N SER B 75 -11.59 5.46 14.56
CA SER B 75 -11.09 4.20 14.03
C SER B 75 -10.29 4.44 12.76
N ALA B 76 -9.34 3.54 12.49
CA ALA B 76 -8.37 3.73 11.43
C ALA B 76 -8.58 2.81 10.23
N GLY B 77 -8.99 1.57 10.44
CA GLY B 77 -9.19 0.66 9.33
C GLY B 77 -8.95 -0.77 9.74
N TRP B 78 -9.35 -1.69 8.86
CA TRP B 78 -9.25 -3.12 9.09
C TRP B 78 -8.83 -3.80 7.79
N TRP B 79 -8.36 -5.04 7.90
CA TRP B 79 -8.07 -5.83 6.71
C TRP B 79 -8.24 -7.31 6.99
N TRP B 80 -8.41 -8.07 5.91
CA TRP B 80 -8.57 -9.52 5.93
C TRP B 80 -7.73 -10.13 4.82
N LYS B 81 -7.28 -11.36 5.03
CA LYS B 81 -6.63 -12.14 3.99
C LYS B 81 -7.60 -13.20 3.49
N LEU B 82 -7.87 -13.17 2.19
CA LEU B 82 -9.14 -13.69 1.72
C LEU B 82 -9.24 -15.22 1.58
N PRO B 83 -8.22 -15.97 1.05
CA PRO B 83 -8.31 -17.43 1.22
C PRO B 83 -7.68 -17.90 2.52
N ASP B 84 -7.91 -17.16 3.60
CA ASP B 84 -7.51 -17.55 4.94
C ASP B 84 -8.61 -17.33 5.97
N ALA B 85 -9.51 -16.37 5.76
CA ALA B 85 -10.63 -16.16 6.66
C ALA B 85 -11.67 -17.28 6.53
N LEU B 86 -11.71 -17.94 5.37
CA LEU B 86 -12.61 -19.06 5.13
C LEU B 86 -11.91 -20.41 5.28
N SER B 87 -10.98 -20.53 6.22
CA SER B 87 -10.23 -21.77 6.43
C SER B 87 -10.82 -22.64 7.52
N GLN B 88 -11.86 -22.17 8.21
CA GLN B 88 -12.64 -23.01 9.13
C GLN B 88 -14.13 -22.88 8.83
N MET B 89 -14.46 -22.43 7.64
CA MET B 89 -15.83 -22.06 7.28
C MET B 89 -16.47 -23.19 6.49
N GLY B 90 -17.08 -24.13 7.21
CA GLY B 90 -17.93 -25.12 6.56
C GLY B 90 -17.15 -26.16 5.79
N LEU B 91 -17.67 -26.53 4.63
CA LEU B 91 -17.02 -27.46 3.73
C LEU B 91 -16.08 -26.78 2.74
N PHE B 92 -15.99 -25.44 2.78
CA PHE B 92 -14.95 -24.77 2.02
C PHE B 92 -13.59 -24.95 2.69
N GLY B 93 -13.55 -24.85 4.01
CA GLY B 93 -12.31 -25.07 4.72
C GLY B 93 -11.90 -26.52 4.83
N GLN B 94 -12.84 -27.44 4.68
CA GLN B 94 -12.52 -28.86 4.72
C GLN B 94 -11.89 -29.34 3.43
N ASN B 95 -12.30 -28.79 2.29
CA ASN B 95 -11.69 -29.15 1.02
C ASN B 95 -10.31 -28.56 0.86
N MET B 96 -10.00 -27.47 1.57
CA MET B 96 -8.67 -26.89 1.52
C MET B 96 -7.66 -27.76 2.25
N GLN B 97 -8.07 -28.45 3.30
CA GLN B 97 -7.12 -29.22 4.09
C GLN B 97 -6.78 -30.54 3.44
N TYR B 98 -7.68 -31.11 2.65
CA TYR B 98 -7.44 -32.40 2.03
C TYR B 98 -6.83 -32.31 0.64
N HIS B 99 -6.88 -31.15 0.01
CA HIS B 99 -6.38 -30.99 -1.35
C HIS B 99 -5.12 -30.12 -1.32
N TYR B 100 -4.34 -30.24 -2.39
CA TYR B 100 -3.09 -29.52 -2.54
C TYR B 100 -3.22 -28.28 -3.40
N LEU B 101 -4.09 -28.29 -4.39
CA LEU B 101 -4.30 -27.14 -5.28
C LEU B 101 -5.74 -26.65 -5.19
N GLY B 102 -5.98 -25.45 -5.70
CA GLY B 102 -7.32 -24.89 -5.74
C GLY B 102 -7.37 -23.51 -6.37
N ARG B 103 -8.44 -23.21 -7.10
CA ARG B 103 -8.65 -21.88 -7.66
C ARG B 103 -10.09 -21.47 -7.43
N THR B 104 -10.31 -20.18 -7.13
CA THR B 104 -11.59 -19.70 -6.64
C THR B 104 -11.71 -18.20 -6.94
N GLY B 105 -12.89 -17.80 -7.42
CA GLY B 105 -13.27 -16.41 -7.44
C GLY B 105 -14.24 -16.09 -6.31
N TYR B 106 -14.42 -14.80 -6.04
CA TYR B 106 -15.12 -14.37 -4.84
C TYR B 106 -16.21 -13.37 -5.15
N THR B 107 -17.19 -13.31 -4.25
CA THR B 107 -18.21 -12.27 -4.21
C THR B 107 -18.22 -11.70 -2.81
N ILE B 108 -17.81 -10.44 -2.67
CA ILE B 108 -17.66 -9.79 -1.38
C ILE B 108 -18.78 -8.79 -1.19
N HIS B 109 -19.45 -8.85 -0.05
CA HIS B 109 -20.56 -7.96 0.28
C HIS B 109 -20.29 -7.33 1.64
N VAL B 110 -19.83 -6.10 1.64
CA VAL B 110 -19.62 -5.33 2.87
C VAL B 110 -20.88 -4.53 3.14
N GLN B 111 -21.38 -4.57 4.36
CA GLN B 111 -22.66 -3.96 4.69
C GLN B 111 -22.60 -3.21 6.02
N CYS B 112 -23.18 -2.01 6.03
CA CYS B 112 -23.09 -1.10 7.16
C CYS B 112 -24.24 -0.10 7.07
N ASN B 113 -25.17 -0.16 8.02
CA ASN B 113 -26.33 0.73 7.99
C ASN B 113 -26.25 1.76 9.11
N ALA B 114 -26.68 2.97 8.79
CA ALA B 114 -26.82 4.04 9.77
C ALA B 114 -27.94 4.96 9.30
N SER B 115 -28.32 5.90 10.15
CA SER B 115 -29.49 6.73 9.90
C SER B 115 -29.15 7.87 8.94
N LYS B 116 -30.09 8.79 8.76
CA LYS B 116 -29.88 10.02 8.01
C LYS B 116 -29.21 11.10 8.86
N PHE B 117 -28.95 10.81 10.13
CA PHE B 117 -28.36 11.76 11.05
C PHE B 117 -26.90 11.45 11.32
N HIS B 118 -26.40 10.34 10.79
CA HIS B 118 -25.00 9.95 10.86
C HIS B 118 -24.29 10.37 9.57
N GLN B 119 -22.96 10.36 9.63
CA GLN B 119 -22.16 10.63 8.44
C GLN B 119 -20.85 9.85 8.54
N GLY B 120 -20.22 9.67 7.40
CA GLY B 120 -19.00 8.88 7.29
C GLY B 120 -18.85 8.35 5.88
N CYS B 121 -17.65 7.84 5.59
CA CYS B 121 -17.33 7.32 4.27
C CYS B 121 -16.25 6.26 4.39
N LEU B 122 -16.52 5.08 3.85
CA LEU B 122 -15.60 3.96 3.88
C LEU B 122 -15.17 3.60 2.48
N LEU B 123 -13.89 3.31 2.31
CA LEU B 123 -13.35 2.80 1.06
C LEU B 123 -13.10 1.30 1.19
N VAL B 124 -13.68 0.52 0.27
CA VAL B 124 -13.58 -0.93 0.30
C VAL B 124 -12.81 -1.34 -0.96
N VAL B 125 -11.50 -1.56 -0.82
CA VAL B 125 -10.68 -2.00 -1.94
C VAL B 125 -10.44 -3.50 -1.82
N CYS B 126 -9.97 -4.08 -2.92
CA CYS B 126 -9.61 -5.50 -2.96
C CYS B 126 -8.27 -5.60 -3.69
N VAL B 127 -7.21 -5.87 -2.94
CA VAL B 127 -5.84 -5.75 -3.42
C VAL B 127 -5.29 -7.15 -3.67
N PRO B 128 -4.80 -7.45 -4.87
CA PRO B 128 -4.13 -8.74 -5.11
C PRO B 128 -2.63 -8.64 -4.83
N GLU B 129 -2.11 -9.67 -4.15
CA GLU B 129 -0.70 -9.80 -3.75
C GLU B 129 -0.25 -8.62 -2.89
N ALA B 130 -1.02 -8.35 -1.85
CA ALA B 130 -0.73 -7.25 -0.93
C ALA B 130 0.35 -7.70 0.05
N GLU B 131 1.59 -7.66 -0.43
CA GLU B 131 2.74 -7.97 0.42
C GLU B 131 3.03 -6.80 1.34
N MET B 132 3.09 -7.07 2.64
CA MET B 132 3.18 -6.03 3.65
C MET B 132 4.57 -5.99 4.28
N GLY B 133 4.83 -4.90 5.01
CA GLY B 133 6.13 -4.64 5.59
C GLY B 133 6.14 -4.83 7.10
N CYS B 134 7.35 -4.79 7.65
CA CYS B 134 7.59 -5.01 9.07
C CYS B 134 8.07 -3.73 9.74
N SER B 135 7.95 -3.71 11.07
CA SER B 135 8.43 -2.57 11.84
C SER B 135 9.93 -2.62 12.06
N ASN B 136 10.46 -3.82 12.31
CA ASN B 136 11.90 -4.04 12.31
C ASN B 136 12.35 -4.29 10.87
N LEU B 137 13.25 -3.44 10.37
CA LEU B 137 13.55 -3.41 8.95
C LEU B 137 14.39 -4.59 8.48
N ASN B 138 14.93 -5.40 9.38
CA ASN B 138 15.72 -6.55 8.96
C ASN B 138 14.87 -7.81 8.85
N ASN B 139 13.65 -7.79 9.36
CA ASN B 139 12.82 -8.98 9.39
C ASN B 139 11.61 -8.84 8.47
N THR B 140 10.83 -9.91 8.40
CA THR B 140 9.53 -10.00 7.76
C THR B 140 8.47 -10.26 8.82
N PRO B 141 7.21 -9.86 8.59
CA PRO B 141 6.18 -10.08 9.61
C PRO B 141 5.82 -11.55 9.76
N GLU B 142 5.35 -11.91 10.95
CA GLU B 142 4.91 -13.27 11.24
C GLU B 142 3.49 -13.50 10.72
N PHE B 143 3.07 -14.76 10.71
CA PHE B 143 1.75 -15.11 10.18
C PHE B 143 0.62 -14.60 11.07
N SER B 144 0.77 -14.71 12.39
CA SER B 144 -0.31 -14.38 13.32
C SER B 144 -0.66 -12.89 13.28
N GLU B 145 0.30 -12.05 12.94
CA GLU B 145 0.08 -10.63 12.80
C GLU B 145 -0.21 -10.19 11.37
N LEU B 146 0.02 -11.06 10.38
CA LEU B 146 -0.44 -10.78 9.03
C LEU B 146 -1.92 -11.13 8.84
N SER B 147 -2.42 -12.13 9.56
CA SER B 147 -3.78 -12.62 9.31
C SER B 147 -4.32 -13.29 10.56
N GLY B 148 -5.60 -13.05 10.82
CA GLY B 148 -6.30 -13.75 11.87
C GLY B 148 -7.32 -14.69 11.26
N GLY B 149 -7.82 -15.59 12.10
CA GLY B 149 -8.83 -16.51 11.64
C GLY B 149 -10.19 -15.87 11.67
N ASP B 150 -10.66 -15.42 10.50
CA ASP B 150 -11.87 -14.62 10.24
C ASP B 150 -12.07 -13.47 11.23
N SER B 151 -10.97 -12.90 11.70
CA SER B 151 -10.97 -11.76 12.61
C SER B 151 -10.10 -10.68 12.02
N ALA B 152 -10.57 -9.44 12.10
CA ALA B 152 -9.89 -8.34 11.44
C ALA B 152 -8.61 -7.97 12.17
N ARG B 153 -7.57 -7.67 11.39
CA ARG B 153 -6.40 -6.99 11.87
C ARG B 153 -6.55 -5.51 11.55
N MET B 154 -6.15 -4.65 12.47
CA MET B 154 -6.55 -3.25 12.44
C MET B 154 -5.36 -2.33 12.18
N PHE B 155 -5.59 -1.34 11.32
CA PHE B 155 -4.61 -0.28 11.09
C PHE B 155 -4.56 0.65 12.29
N THR B 156 -3.47 1.40 12.38
CA THR B 156 -3.27 2.37 13.46
C THR B 156 -3.12 3.77 12.89
N ASP B 157 -3.47 4.76 13.70
CA ASP B 157 -3.29 6.15 13.29
C ASP B 157 -1.87 6.62 13.59
N THR B 158 -1.12 5.83 14.34
CA THR B 158 0.25 6.19 14.67
C THR B 158 1.23 5.22 14.03
N GLN B 159 2.52 5.51 14.20
CA GLN B 159 3.60 4.71 13.64
C GLN B 159 4.06 3.69 14.68
N VAL B 160 4.19 2.44 14.25
CA VAL B 160 4.52 1.35 15.16
C VAL B 160 6.05 1.21 15.26
N GLY B 161 6.55 1.02 16.48
CA GLY B 161 7.96 0.84 16.71
C GLY B 161 8.36 -0.63 16.68
N GLU B 162 9.67 -0.88 16.66
CA GLU B 162 10.17 -2.23 16.49
C GLU B 162 10.30 -2.94 17.83
N SER B 163 10.21 -4.27 17.80
CA SER B 163 10.20 -5.09 19.00
C SER B 163 10.56 -6.52 18.60
N ASN B 164 10.35 -7.45 19.53
CA ASN B 164 10.61 -8.86 19.23
C ASN B 164 9.44 -9.48 18.48
N ALA B 165 8.25 -8.91 18.63
CA ALA B 165 7.14 -9.29 17.77
C ALA B 165 7.34 -8.70 16.40
N LYS B 166 7.43 -9.56 15.39
CA LYS B 166 7.63 -9.11 14.02
C LYS B 166 6.31 -8.57 13.49
N LYS B 167 6.00 -7.33 13.85
CA LYS B 167 4.71 -6.71 13.60
C LYS B 167 4.66 -6.11 12.22
N VAL B 168 3.46 -5.70 11.82
CA VAL B 168 3.26 -5.02 10.55
C VAL B 168 3.29 -3.53 10.81
N GLN B 169 3.91 -2.77 9.91
CA GLN B 169 3.86 -1.32 10.01
C GLN B 169 2.46 -0.86 9.63
N THR B 170 1.62 -0.60 10.63
CA THR B 170 0.20 -0.36 10.42
C THR B 170 -0.14 1.13 10.48
N ALA B 171 0.77 1.98 10.00
CA ALA B 171 0.44 3.37 9.73
C ALA B 171 -0.51 3.42 8.54
N VAL B 172 -1.70 3.99 8.76
CA VAL B 172 -2.80 3.78 7.83
C VAL B 172 -2.60 4.56 6.53
N TRP B 173 -1.86 5.66 6.56
CA TRP B 173 -1.71 6.48 5.37
C TRP B 173 -0.74 5.87 4.35
N ASN B 174 0.06 4.88 4.75
CA ASN B 174 0.86 4.13 3.81
C ASN B 174 0.27 2.77 3.47
N ALA B 175 -0.87 2.41 4.08
CA ALA B 175 -1.66 1.21 3.82
C ALA B 175 -0.89 -0.09 4.04
N GLY B 176 0.16 -0.06 4.86
CA GLY B 176 0.96 -1.24 5.12
C GLY B 176 1.82 -1.72 3.98
N MET B 177 1.88 -0.98 2.87
CA MET B 177 2.60 -1.40 1.68
C MET B 177 3.63 -0.38 1.22
N GLY B 178 3.65 0.81 1.80
CA GLY B 178 4.61 1.83 1.41
C GLY B 178 4.17 2.72 0.28
N VAL B 179 2.87 2.86 0.05
CA VAL B 179 2.35 3.61 -1.08
C VAL B 179 1.45 4.73 -0.57
N GLY B 180 0.85 5.49 -1.47
CA GLY B 180 -0.13 6.48 -1.07
C GLY B 180 -1.52 5.86 -0.97
N VAL B 181 -2.19 6.12 0.14
CA VAL B 181 -3.48 5.49 0.39
C VAL B 181 -4.58 6.07 -0.49
N GLY B 182 -4.41 7.29 -1.00
CA GLY B 182 -5.37 7.82 -1.95
C GLY B 182 -5.27 7.22 -3.33
N ASN B 183 -4.15 6.58 -3.64
CA ASN B 183 -3.94 5.90 -4.91
C ASN B 183 -4.44 4.46 -4.90
N LEU B 184 -5.15 4.06 -3.85
CA LEU B 184 -5.70 2.70 -3.74
C LEU B 184 -6.92 2.49 -4.61
N THR B 185 -7.38 3.50 -5.34
CA THR B 185 -8.53 3.38 -6.21
C THR B 185 -8.18 2.82 -7.59
N ILE B 186 -6.96 2.34 -7.78
CA ILE B 186 -6.61 1.67 -9.02
C ILE B 186 -7.03 0.20 -8.99
N PHE B 187 -7.27 -0.34 -7.81
CA PHE B 187 -7.81 -1.68 -7.66
C PHE B 187 -9.33 -1.61 -7.75
N PRO B 188 -9.99 -2.75 -7.99
CA PRO B 188 -11.46 -2.78 -7.93
C PRO B 188 -11.97 -2.41 -6.54
N HIS B 189 -12.80 -1.37 -6.49
CA HIS B 189 -13.19 -0.76 -5.22
C HIS B 189 -14.59 -0.21 -5.33
N GLN B 190 -15.17 0.08 -4.16
CA GLN B 190 -16.40 0.84 -4.02
C GLN B 190 -16.27 1.73 -2.81
N TRP B 191 -17.20 2.67 -2.67
CA TRP B 191 -17.30 3.50 -1.47
C TRP B 191 -18.62 3.20 -0.77
N ILE B 192 -18.64 3.39 0.54
CA ILE B 192 -19.88 3.37 1.32
C ILE B 192 -20.00 4.74 1.96
N ASN B 193 -20.78 5.61 1.34
CA ASN B 193 -21.09 6.92 1.88
C ASN B 193 -22.40 6.81 2.63
N LEU B 194 -22.39 7.14 3.93
CA LEU B 194 -23.58 6.98 4.75
C LEU B 194 -24.72 7.92 4.36
N ARG B 195 -24.41 8.97 3.60
CA ARG B 195 -25.44 9.83 3.04
C ARG B 195 -26.29 9.10 2.01
N THR B 196 -25.67 8.25 1.19
CA THR B 196 -26.36 7.70 0.03
C THR B 196 -26.29 6.18 -0.08
N ASN B 197 -25.31 5.56 0.57
CA ASN B 197 -25.02 4.16 0.35
C ASN B 197 -25.21 3.36 1.63
N ASN B 198 -25.53 2.09 1.44
CA ASN B 198 -25.73 1.16 2.55
C ASN B 198 -24.82 -0.05 2.47
N SER B 199 -24.39 -0.46 1.28
CA SER B 199 -23.54 -1.65 1.14
C SER B 199 -22.68 -1.50 -0.11
N ALA B 200 -21.75 -2.44 -0.28
CA ALA B 200 -20.86 -2.48 -1.42
C ALA B 200 -20.66 -3.93 -1.84
N THR B 201 -20.61 -4.16 -3.16
CA THR B 201 -20.53 -5.50 -3.71
C THR B 201 -19.40 -5.55 -4.74
N LEU B 202 -18.47 -6.50 -4.56
CA LEU B 202 -17.37 -6.72 -5.48
C LEU B 202 -17.33 -8.19 -5.89
N VAL B 203 -17.26 -8.43 -7.19
CA VAL B 203 -17.12 -9.77 -7.75
C VAL B 203 -15.73 -9.87 -8.36
N MET B 204 -14.89 -10.75 -7.80
CA MET B 204 -13.51 -10.86 -8.19
C MET B 204 -13.27 -12.18 -8.92
N PRO B 205 -12.57 -12.17 -10.05
CA PRO B 205 -12.15 -13.43 -10.66
C PRO B 205 -10.89 -13.98 -10.03
N TYR B 206 -10.37 -15.07 -10.57
CA TYR B 206 -9.13 -15.66 -10.07
C TYR B 206 -7.95 -14.95 -10.73
N ILE B 207 -7.07 -14.38 -9.90
CA ILE B 207 -5.91 -13.63 -10.37
C ILE B 207 -4.67 -14.27 -9.78
N ASN B 208 -3.82 -14.80 -10.65
CA ASN B 208 -2.53 -15.36 -10.27
C ASN B 208 -1.67 -15.42 -11.51
N SER B 209 -0.42 -15.81 -11.33
CA SER B 209 0.47 -16.10 -12.44
C SER B 209 0.54 -17.59 -12.76
N VAL B 210 -0.25 -18.40 -12.08
CA VAL B 210 -0.31 -19.85 -12.27
C VAL B 210 -1.78 -20.24 -12.31
N PRO B 211 -2.17 -21.32 -13.00
CA PRO B 211 -3.60 -21.65 -13.07
C PRO B 211 -4.18 -22.22 -11.79
N MET B 212 -3.36 -22.82 -10.94
CA MET B 212 -3.80 -23.31 -9.65
C MET B 212 -2.68 -23.04 -8.65
N ASP B 213 -3.05 -22.97 -7.38
CA ASP B 213 -2.05 -22.67 -6.36
C ASP B 213 -2.52 -23.22 -5.03
N ASN B 214 -1.57 -23.48 -4.15
CA ASN B 214 -1.86 -23.99 -2.82
C ASN B 214 -2.48 -22.89 -1.96
N MET B 215 -3.65 -23.20 -1.39
CA MET B 215 -4.48 -22.20 -0.71
C MET B 215 -4.09 -21.97 0.74
N PHE B 216 -2.99 -22.54 1.21
CA PHE B 216 -2.55 -22.32 2.58
C PHE B 216 -1.27 -21.51 2.68
N ARG B 217 -0.39 -21.60 1.69
CA ARG B 217 0.88 -20.90 1.71
C ARG B 217 0.86 -19.61 0.90
N HIS B 218 -0.32 -19.14 0.50
CA HIS B 218 -0.42 -17.99 -0.41
C HIS B 218 -1.79 -17.36 -0.29
N ASN B 219 -1.82 -16.07 0.05
CA ASN B 219 -3.05 -15.29 0.04
C ASN B 219 -2.98 -14.33 -1.14
N ASN B 220 -3.77 -14.59 -2.17
CA ASN B 220 -3.71 -13.79 -3.38
C ASN B 220 -4.79 -12.72 -3.44
N LEU B 221 -5.50 -12.48 -2.34
CA LEU B 221 -6.40 -11.34 -2.27
C LEU B 221 -6.41 -10.79 -0.84
N THR B 222 -6.62 -9.49 -0.74
CA THR B 222 -6.66 -8.80 0.55
C THR B 222 -7.76 -7.75 0.49
N LEU B 223 -8.68 -7.83 1.44
CA LEU B 223 -9.80 -6.90 1.55
C LEU B 223 -9.52 -5.88 2.62
N MET B 224 -9.35 -4.62 2.22
CA MET B 224 -9.14 -3.52 3.15
C MET B 224 -10.38 -2.63 3.20
N ILE B 225 -10.72 -2.18 4.41
CA ILE B 225 -11.79 -1.22 4.62
C ILE B 225 -11.20 -0.08 5.44
N ILE B 226 -11.20 1.12 4.88
CA ILE B 226 -10.52 2.27 5.46
C ILE B 226 -11.48 3.45 5.49
N PRO B 227 -11.76 4.05 6.66
CA PRO B 227 -12.64 5.23 6.71
C PRO B 227 -11.89 6.50 6.34
N PHE B 228 -12.19 7.03 5.16
CA PHE B 228 -11.55 8.27 4.72
C PHE B 228 -12.15 9.48 5.43
N VAL B 229 -13.47 9.48 5.60
CA VAL B 229 -14.16 10.49 6.40
C VAL B 229 -14.65 9.80 7.67
N PRO B 230 -14.30 10.30 8.85
CA PRO B 230 -14.60 9.58 10.09
C PRO B 230 -16.08 9.59 10.43
N LEU B 231 -16.46 8.63 11.27
CA LEU B 231 -17.85 8.53 11.71
C LEU B 231 -18.16 9.65 12.68
N ASN B 232 -19.30 10.30 12.49
CA ASN B 232 -19.70 11.41 13.35
C ASN B 232 -21.21 11.41 13.49
N TYR B 233 -21.66 11.75 14.68
CA TYR B 233 -23.09 11.88 14.98
C TYR B 233 -23.21 12.87 16.14
N SER B 234 -24.43 13.33 16.38
CA SER B 234 -24.70 14.20 17.51
C SER B 234 -25.23 13.34 18.66
N GLU B 235 -25.42 13.98 19.81
CA GLU B 235 -25.81 13.26 21.02
C GLU B 235 -27.28 12.88 20.94
N GLY B 236 -27.59 11.64 21.32
CA GLY B 236 -28.90 11.06 21.17
C GLY B 236 -29.00 10.00 20.09
N SER B 237 -28.14 10.09 19.07
CA SER B 237 -28.08 9.08 18.03
C SER B 237 -27.40 7.82 18.56
N SER B 238 -27.56 6.72 17.84
CA SER B 238 -27.03 5.43 18.27
C SER B 238 -25.51 5.43 18.18
N PRO B 239 -24.81 5.13 19.26
CA PRO B 239 -23.34 5.20 19.23
C PRO B 239 -22.68 3.97 18.63
N TYR B 240 -23.38 2.84 18.58
CA TYR B 240 -22.80 1.58 18.13
C TYR B 240 -23.16 1.35 16.67
N VAL B 241 -22.15 1.36 15.81
CA VAL B 241 -22.34 1.12 14.38
C VAL B 241 -21.41 0.00 13.94
N PRO B 242 -21.93 -1.18 13.58
CA PRO B 242 -21.06 -2.27 13.14
C PRO B 242 -20.86 -2.31 11.64
N ILE B 243 -19.83 -3.05 11.23
CA ILE B 243 -19.54 -3.32 9.83
C ILE B 243 -19.41 -4.83 9.66
N THR B 244 -20.17 -5.39 8.72
CA THR B 244 -20.25 -6.84 8.55
C THR B 244 -19.80 -7.19 7.14
N VAL B 245 -18.94 -8.21 7.03
CA VAL B 245 -18.39 -8.67 5.77
C VAL B 245 -18.91 -10.08 5.49
N THR B 246 -19.38 -10.30 4.26
CA THR B 246 -19.94 -11.58 3.84
C THR B 246 -19.35 -11.95 2.49
N ILE B 247 -18.65 -13.08 2.44
CA ILE B 247 -17.86 -13.48 1.26
C ILE B 247 -18.37 -14.81 0.75
N ALA B 248 -18.51 -14.93 -0.57
CA ALA B 248 -18.97 -16.14 -1.22
C ALA B 248 -17.97 -16.63 -2.26
N PRO B 249 -17.52 -17.87 -2.18
CA PRO B 249 -16.69 -18.43 -3.26
C PRO B 249 -17.50 -18.65 -4.52
N MET B 250 -16.83 -18.51 -5.67
CA MET B 250 -17.47 -18.71 -6.97
C MET B 250 -16.57 -19.59 -7.83
N CYS B 251 -17.15 -20.68 -8.34
CA CYS B 251 -16.50 -21.63 -9.25
C CYS B 251 -15.22 -22.21 -8.64
N ALA B 252 -15.32 -22.64 -7.39
CA ALA B 252 -14.20 -23.23 -6.68
C ALA B 252 -14.00 -24.68 -7.11
N GLU B 253 -12.76 -25.02 -7.47
CA GLU B 253 -12.41 -26.39 -7.78
C GLU B 253 -11.09 -26.72 -7.11
N TYR B 254 -10.90 -27.99 -6.81
CA TYR B 254 -9.76 -28.46 -6.03
C TYR B 254 -9.10 -29.63 -6.74
N ASN B 255 -7.82 -29.85 -6.43
CA ASN B 255 -7.05 -30.88 -7.10
C ASN B 255 -5.90 -31.32 -6.19
N GLY B 256 -5.55 -32.59 -6.29
CA GLY B 256 -4.45 -33.14 -5.52
C GLY B 256 -4.86 -33.65 -4.14
N LEU B 257 -5.79 -34.59 -4.10
CA LEU B 257 -6.32 -35.08 -2.84
C LEU B 257 -5.33 -35.99 -2.13
N ARG B 258 -5.05 -35.66 -0.87
CA ARG B 258 -4.19 -36.45 0.00
C ARG B 258 -4.72 -36.29 1.43
N LEU B 259 -3.92 -36.70 2.43
CA LEU B 259 -4.32 -36.60 3.83
C LEU B 259 -4.44 -35.15 4.27
N ALA B 260 -5.07 -34.94 5.42
CA ALA B 260 -5.46 -33.61 5.87
C ALA B 260 -4.33 -32.83 6.52
N SER B 261 -3.89 -31.72 5.92
CA SER B 261 -2.99 -30.77 6.56
C SER B 261 -3.68 -30.07 7.72
N ASN B 262 -2.88 -29.45 8.60
CA ASN B 262 -3.33 -28.69 9.77
C ASN B 262 -4.17 -29.54 10.72
N GLY C 1 34.48 -10.84 -50.55
CA GLY C 1 34.68 -9.60 -49.80
C GLY C 1 33.97 -8.41 -50.38
N LEU C 2 32.75 -8.15 -49.92
CA LEU C 2 32.00 -6.99 -50.37
C LEU C 2 32.60 -5.73 -49.76
N PRO C 3 32.91 -4.70 -50.57
CA PRO C 3 33.49 -3.46 -50.02
C PRO C 3 32.45 -2.66 -49.27
N VAL C 4 32.67 -2.50 -47.96
CA VAL C 4 31.80 -1.73 -47.09
C VAL C 4 32.60 -0.57 -46.50
N MET C 5 31.90 0.30 -45.80
CA MET C 5 32.52 1.48 -45.19
C MET C 5 31.74 1.86 -43.94
N THR C 6 32.41 1.83 -42.79
CA THR C 6 31.75 2.05 -41.52
C THR C 6 31.55 3.54 -41.26
N THR C 7 30.34 3.89 -40.87
CA THR C 7 29.91 5.27 -40.65
C THR C 7 30.21 5.69 -39.22
N PRO C 8 30.15 6.99 -38.92
CA PRO C 8 30.18 7.41 -37.51
C PRO C 8 28.97 6.89 -36.76
N GLY C 9 29.19 6.60 -35.48
CA GLY C 9 28.20 5.91 -34.68
C GLY C 9 28.36 4.42 -34.62
N SER C 10 29.55 3.90 -34.90
CA SER C 10 29.81 2.47 -34.85
C SER C 10 30.49 2.12 -33.53
N THR C 11 30.21 0.90 -33.06
CA THR C 11 30.68 0.35 -31.78
C THR C 11 30.33 1.26 -30.61
N GLN C 12 29.12 1.81 -30.63
CA GLN C 12 28.62 2.65 -29.56
C GLN C 12 27.44 1.98 -28.91
N PHE C 13 27.19 2.33 -27.64
CA PHE C 13 26.07 1.78 -26.88
C PHE C 13 25.14 2.93 -26.56
N LEU C 14 24.13 3.12 -27.40
CA LEU C 14 23.02 3.99 -27.11
C LEU C 14 21.96 3.17 -26.39
N THR C 15 21.46 3.68 -25.26
CA THR C 15 20.61 2.86 -24.41
C THR C 15 19.19 2.71 -24.96
N SER C 16 18.84 3.39 -26.02
CA SER C 16 17.50 3.31 -26.62
C SER C 16 17.58 2.96 -28.10
N ASP C 17 18.46 2.02 -28.46
CA ASP C 17 18.53 1.57 -29.84
C ASP C 17 17.72 0.30 -30.04
N ASP C 18 17.38 0.02 -31.30
CA ASP C 18 16.44 -1.05 -31.64
C ASP C 18 17.11 -1.95 -32.68
N PHE C 19 17.86 -2.95 -32.20
CA PHE C 19 18.57 -3.87 -33.06
C PHE C 19 18.23 -5.30 -32.68
N GLN C 20 18.70 -6.24 -33.49
CA GLN C 20 18.61 -7.66 -33.21
C GLN C 20 19.89 -8.14 -32.56
N SER C 21 19.77 -9.22 -31.78
CA SER C 21 20.88 -9.76 -31.00
C SER C 21 20.81 -11.27 -31.03
N PRO C 22 21.95 -11.96 -31.03
CA PRO C 22 21.91 -13.42 -30.98
C PRO C 22 21.47 -13.92 -29.62
N SER C 23 20.87 -15.11 -29.60
CA SER C 23 20.32 -15.65 -28.37
C SER C 23 21.35 -16.51 -27.65
N ALA C 24 21.29 -16.49 -26.31
CA ALA C 24 22.18 -17.29 -25.50
C ALA C 24 21.66 -18.70 -25.24
N MET C 25 20.35 -18.90 -25.32
CA MET C 25 19.74 -20.21 -25.14
C MET C 25 18.92 -20.53 -26.38
N PRO C 26 19.53 -21.19 -27.36
CA PRO C 26 18.82 -21.51 -28.60
C PRO C 26 17.77 -22.61 -28.41
N GLN C 27 16.66 -22.43 -29.13
CA GLN C 27 15.54 -23.37 -29.19
C GLN C 27 14.93 -23.62 -27.81
N PHE C 28 14.80 -22.55 -27.04
CA PHE C 28 14.20 -22.59 -25.72
C PHE C 28 12.69 -22.56 -25.84
N ASP C 29 12.02 -23.48 -25.13
CA ASP C 29 10.57 -23.58 -25.15
C ASP C 29 10.01 -22.85 -23.95
N VAL C 30 9.35 -21.73 -24.21
CA VAL C 30 8.75 -20.96 -23.12
C VAL C 30 7.42 -21.60 -22.71
N THR C 31 6.98 -21.27 -21.50
CA THR C 31 5.69 -21.73 -21.04
C THR C 31 4.59 -21.03 -21.82
N PRO C 32 3.46 -21.71 -22.07
CA PRO C 32 2.38 -21.07 -22.83
C PRO C 32 1.75 -19.91 -22.07
N GLU C 33 1.11 -19.04 -22.83
CA GLU C 33 0.57 -17.82 -22.26
C GLU C 33 -0.81 -18.06 -21.69
N MET C 34 -1.07 -17.46 -20.53
CA MET C 34 -2.33 -17.61 -19.83
C MET C 34 -3.18 -16.35 -20.01
N GLN C 35 -4.46 -16.47 -19.75
CA GLN C 35 -5.37 -15.34 -19.74
C GLN C 35 -5.48 -14.82 -18.32
N ILE C 36 -4.74 -13.76 -18.01
CA ILE C 36 -4.79 -13.12 -16.71
C ILE C 36 -5.63 -11.86 -16.85
N PRO C 37 -6.54 -11.57 -15.93
CA PRO C 37 -7.35 -10.36 -16.04
C PRO C 37 -6.57 -9.09 -15.73
N GLY C 38 -6.89 -8.03 -16.47
CA GLY C 38 -6.36 -6.72 -16.17
C GLY C 38 -5.13 -6.33 -16.96
N ARG C 39 -5.11 -6.64 -18.25
CA ARG C 39 -3.94 -6.38 -19.08
C ARG C 39 -3.83 -4.90 -19.42
N VAL C 40 -2.65 -4.34 -19.22
CA VAL C 40 -2.37 -2.94 -19.52
C VAL C 40 -1.57 -2.88 -20.81
N ASN C 41 -2.02 -2.07 -21.76
CA ASN C 41 -1.26 -1.81 -22.97
C ASN C 41 -0.71 -0.39 -23.04
N ASN C 42 -1.38 0.56 -22.39
CA ASN C 42 -0.99 1.96 -22.42
C ASN C 42 -1.04 2.53 -21.02
N LEU C 43 -0.09 3.43 -20.73
CA LEU C 43 -0.07 4.07 -19.42
C LEU C 43 -1.19 5.09 -19.25
N MET C 44 -1.85 5.51 -20.33
CA MET C 44 -2.98 6.40 -20.22
C MET C 44 -4.24 5.72 -19.73
N GLU C 45 -4.28 4.38 -19.77
CA GLU C 45 -5.41 3.67 -19.15
C GLU C 45 -5.37 3.78 -17.63
N ILE C 46 -4.19 4.03 -17.07
CA ILE C 46 -4.04 4.17 -15.64
C ILE C 46 -4.41 5.58 -15.19
N ALA C 47 -4.02 6.59 -15.96
CA ALA C 47 -4.21 7.99 -15.58
C ALA C 47 -5.65 8.46 -15.70
N GLU C 48 -6.52 7.69 -16.35
CA GLU C 48 -7.94 8.01 -16.40
C GLU C 48 -8.73 7.44 -15.24
N VAL C 49 -8.06 6.98 -14.19
CA VAL C 49 -8.72 6.46 -12.99
C VAL C 49 -8.64 7.54 -11.92
N ASP C 50 -9.75 7.74 -11.22
CA ASP C 50 -9.83 8.75 -10.17
C ASP C 50 -8.89 8.40 -9.02
N SER C 51 -8.29 9.44 -8.44
CA SER C 51 -7.36 9.28 -7.34
C SER C 51 -7.59 10.42 -6.36
N VAL C 52 -7.59 10.09 -5.07
CA VAL C 52 -7.98 11.05 -4.04
C VAL C 52 -6.86 12.06 -3.85
N VAL C 53 -7.23 13.33 -3.84
CA VAL C 53 -6.27 14.45 -3.90
C VAL C 53 -6.12 15.02 -2.49
N PRO C 54 -4.90 15.10 -1.96
CA PRO C 54 -4.70 15.71 -0.63
C PRO C 54 -4.63 17.23 -0.68
N VAL C 55 -5.80 17.89 -0.67
CA VAL C 55 -5.87 19.35 -0.76
C VAL C 55 -5.54 20.01 0.58
N ASN C 56 -5.49 19.25 1.66
CA ASN C 56 -5.48 19.80 3.01
C ASN C 56 -4.16 19.46 3.71
N ASN C 57 -3.03 19.75 3.04
CA ASN C 57 -1.70 19.49 3.58
C ASN C 57 -1.47 20.16 4.92
N THR C 58 -1.40 21.50 4.91
CA THR C 58 -1.41 22.38 6.10
C THR C 58 -0.43 21.95 7.20
N GLU C 59 0.72 21.41 6.79
CA GLU C 59 1.94 21.11 7.56
C GLU C 59 1.77 20.21 8.77
N ASP C 60 0.54 19.72 9.01
CA ASP C 60 0.25 18.87 10.15
C ASP C 60 -0.62 17.68 9.78
N ASN C 61 -1.17 17.62 8.58
CA ASN C 61 -2.11 16.59 8.18
C ASN C 61 -1.50 15.60 7.20
N VAL C 62 -0.22 15.75 6.84
CA VAL C 62 0.34 14.94 5.77
C VAL C 62 0.62 13.51 6.23
N SER C 63 0.93 13.31 7.50
CA SER C 63 1.04 11.96 8.06
C SER C 63 -0.25 11.59 8.79
N SER C 64 -1.36 11.65 8.06
CA SER C 64 -2.68 11.31 8.57
C SER C 64 -3.62 11.17 7.38
N LEU C 65 -4.84 10.72 7.66
CA LEU C 65 -5.90 10.71 6.67
C LEU C 65 -6.63 12.05 6.58
N LYS C 66 -6.24 13.03 7.40
CA LYS C 66 -6.86 14.34 7.39
C LYS C 66 -6.47 15.18 6.19
N ALA C 67 -5.44 14.77 5.43
CA ALA C 67 -5.00 15.53 4.27
C ALA C 67 -6.00 15.47 3.13
N TYR C 68 -6.79 14.40 3.05
CA TYR C 68 -7.76 14.27 1.98
C TYR C 68 -9.13 14.82 2.32
N GLN C 69 -9.31 15.37 3.51
CA GLN C 69 -10.59 15.87 3.95
C GLN C 69 -10.62 17.39 3.90
N ILE C 70 -11.61 17.92 3.18
CA ILE C 70 -11.80 19.36 3.01
C ILE C 70 -12.90 19.80 3.96
N PRO C 71 -12.62 20.67 4.92
CA PRO C 71 -13.63 21.00 5.94
C PRO C 71 -14.66 21.98 5.41
N VAL C 72 -15.93 21.72 5.75
CA VAL C 72 -17.06 22.52 5.31
C VAL C 72 -18.01 22.68 6.50
N GLN C 73 -18.36 23.92 6.81
CA GLN C 73 -19.13 24.26 8.00
C GLN C 73 -20.39 25.04 7.60
N SER C 74 -21.08 25.57 8.60
CA SER C 74 -22.19 26.51 8.40
C SER C 74 -21.75 27.87 8.91
N ASN C 75 -21.84 28.88 8.04
CA ASN C 75 -21.20 30.16 8.28
C ASN C 75 -22.24 31.20 8.69
N SER C 76 -21.73 32.37 9.10
CA SER C 76 -22.55 33.53 9.39
C SER C 76 -22.35 34.65 8.37
N ASP C 77 -21.67 34.36 7.27
CA ASP C 77 -21.45 35.30 6.18
C ASP C 77 -21.70 34.56 4.87
N ASN C 78 -21.31 35.16 3.76
CA ASN C 78 -21.50 34.55 2.45
C ASN C 78 -20.42 35.00 1.49
N GLY C 79 -20.04 34.08 0.61
CA GLY C 79 -18.98 34.35 -0.36
C GLY C 79 -17.63 33.85 0.05
N LYS C 80 -17.55 32.98 1.06
CA LYS C 80 -16.29 32.52 1.59
C LYS C 80 -15.64 31.50 0.66
N GLN C 81 -14.33 31.35 0.79
CA GLN C 81 -13.57 30.41 -0.02
C GLN C 81 -13.40 29.09 0.72
N VAL C 82 -13.49 28.00 -0.03
CA VAL C 82 -13.31 26.67 0.56
C VAL C 82 -11.85 26.25 0.42
N PHE C 83 -11.36 26.14 -0.81
CA PHE C 83 -9.96 25.83 -1.04
C PHE C 83 -9.47 26.61 -2.26
N GLY C 84 -8.25 26.30 -2.68
CA GLY C 84 -7.65 26.90 -3.86
C GLY C 84 -6.23 26.41 -4.07
N PHE C 85 -5.87 26.08 -5.31
CA PHE C 85 -4.51 25.64 -5.63
C PHE C 85 -4.24 25.94 -7.09
N PRO C 86 -2.98 26.12 -7.49
CA PRO C 86 -2.68 26.29 -8.90
C PRO C 86 -2.73 24.99 -9.67
N LEU C 87 -3.02 25.09 -10.97
CA LEU C 87 -3.15 23.92 -11.83
C LEU C 87 -1.79 23.58 -12.40
N GLN C 88 -0.97 22.92 -11.59
CA GLN C 88 0.33 22.40 -12.02
C GLN C 88 0.32 20.91 -11.69
N PRO C 89 -0.14 20.06 -12.60
CA PRO C 89 -0.45 18.67 -12.23
C PRO C 89 0.75 17.79 -11.95
N GLY C 90 1.97 18.25 -12.21
CA GLY C 90 3.15 17.45 -11.95
C GLY C 90 4.25 18.24 -11.26
N ALA C 91 3.94 19.48 -10.88
CA ALA C 91 4.90 20.32 -10.18
C ALA C 91 4.37 20.88 -8.87
N ASN C 92 3.06 21.14 -8.77
CA ASN C 92 2.48 21.61 -7.53
C ASN C 92 2.35 20.44 -6.57
N ASN C 93 2.63 20.69 -5.29
CA ASN C 93 2.66 19.62 -4.29
C ASN C 93 1.29 19.13 -3.86
N VAL C 94 0.20 19.61 -4.47
CA VAL C 94 -1.10 19.02 -4.19
C VAL C 94 -1.37 17.84 -5.10
N LEU C 95 -1.14 18.02 -6.40
CA LEU C 95 -1.39 17.00 -7.40
C LEU C 95 -0.13 16.23 -7.78
N ASN C 96 0.95 16.38 -7.02
CA ASN C 96 2.23 15.80 -7.42
C ASN C 96 2.26 14.30 -7.23
N ARG C 97 1.64 13.79 -6.16
CA ARG C 97 1.73 12.38 -5.83
C ARG C 97 0.46 11.61 -6.13
N THR C 98 -0.50 12.21 -6.82
CA THR C 98 -1.68 11.49 -7.24
C THR C 98 -1.35 10.58 -8.41
N LEU C 99 -2.27 9.68 -8.73
CA LEU C 99 -2.03 8.65 -9.73
C LEU C 99 -1.90 9.22 -11.13
N LEU C 100 -2.46 10.40 -11.38
CA LEU C 100 -2.21 11.12 -12.61
C LEU C 100 -0.85 11.79 -12.58
N GLY C 101 -0.49 12.40 -11.45
CA GLY C 101 0.75 13.12 -11.34
C GLY C 101 1.99 12.26 -11.20
N GLU C 102 1.84 10.99 -10.83
CA GLU C 102 2.98 10.08 -10.77
C GLU C 102 3.38 9.56 -12.14
N ILE C 103 2.45 9.53 -13.09
CA ILE C 103 2.78 9.20 -14.46
C ILE C 103 3.38 10.42 -15.17
N LEU C 104 2.88 11.61 -14.83
CA LEU C 104 3.38 12.84 -15.43
C LEU C 104 4.83 13.13 -15.06
N ASN C 105 5.32 12.60 -13.95
CA ASN C 105 6.70 12.83 -13.55
C ASN C 105 7.67 11.84 -14.19
N TYR C 106 7.20 11.00 -15.10
CA TYR C 106 8.07 10.21 -15.95
C TYR C 106 8.24 10.84 -17.32
N TYR C 107 7.48 11.89 -17.63
CA TYR C 107 7.44 12.53 -18.94
C TYR C 107 7.74 14.01 -18.78
N THR C 108 7.98 14.68 -19.90
CA THR C 108 8.35 16.09 -19.93
C THR C 108 7.20 16.99 -20.37
N HIS C 109 6.42 16.57 -21.35
CA HIS C 109 5.33 17.38 -21.87
C HIS C 109 3.99 16.70 -21.64
N TRP C 110 2.95 17.51 -21.47
CA TRP C 110 1.59 16.99 -21.30
C TRP C 110 0.61 17.92 -22.01
N SER C 111 -0.55 17.37 -22.32
CA SER C 111 -1.57 18.09 -23.09
C SER C 111 -2.90 17.38 -22.90
N GLY C 112 -3.95 18.14 -22.65
CA GLY C 112 -5.29 17.60 -22.59
C GLY C 112 -6.08 18.19 -21.45
N SER C 113 -7.34 17.78 -21.36
CA SER C 113 -8.23 18.25 -20.31
C SER C 113 -8.08 17.40 -19.05
N ILE C 114 -8.64 17.90 -17.95
CA ILE C 114 -8.47 17.30 -16.64
C ILE C 114 -9.83 17.30 -15.94
N LYS C 115 -10.21 16.15 -15.40
CA LYS C 115 -11.45 16.03 -14.64
C LYS C 115 -11.20 16.27 -13.16
N LEU C 116 -12.19 16.84 -12.49
CA LEU C 116 -12.12 17.08 -11.06
C LEU C 116 -13.48 16.75 -10.47
N THR C 117 -13.57 15.64 -9.75
CA THR C 117 -14.82 15.18 -9.14
C THR C 117 -14.78 15.45 -7.64
N PHE C 118 -15.88 15.98 -7.11
CA PHE C 118 -16.00 16.32 -5.70
C PHE C 118 -17.17 15.57 -5.11
N MET C 119 -16.94 14.83 -4.04
CA MET C 119 -17.96 14.06 -3.36
C MET C 119 -18.29 14.73 -2.03
N PHE C 120 -19.58 14.82 -1.71
CA PHE C 120 -20.03 15.44 -0.47
C PHE C 120 -20.28 14.33 0.55
N CYS C 121 -19.34 14.18 1.48
CA CYS C 121 -19.40 13.13 2.49
C CYS C 121 -19.99 13.67 3.79
N GLY C 122 -21.20 14.21 3.72
CA GLY C 122 -21.89 14.75 4.87
C GLY C 122 -23.10 13.93 5.26
N SER C 123 -23.96 14.55 6.05
CA SER C 123 -25.20 13.90 6.44
C SER C 123 -26.27 14.08 5.36
N ALA C 124 -27.19 13.12 5.28
CA ALA C 124 -28.24 13.13 4.28
C ALA C 124 -29.28 14.21 4.50
N MET C 125 -29.30 14.84 5.67
CA MET C 125 -30.22 15.92 5.97
C MET C 125 -29.61 17.29 5.75
N ALA C 126 -28.38 17.35 5.25
CA ALA C 126 -27.69 18.62 5.01
C ALA C 126 -27.80 19.01 3.55
N THR C 127 -27.92 20.31 3.30
CA THR C 127 -27.97 20.88 1.97
C THR C 127 -26.81 21.85 1.79
N GLY C 128 -26.68 22.38 0.58
CA GLY C 128 -25.65 23.35 0.28
C GLY C 128 -25.49 23.51 -1.21
N LYS C 129 -24.89 24.64 -1.58
CA LYS C 129 -24.55 24.94 -2.97
C LYS C 129 -23.18 25.58 -3.03
N PHE C 130 -22.37 25.14 -3.99
CA PHE C 130 -20.99 25.55 -4.11
C PHE C 130 -20.71 26.06 -5.51
N LEU C 131 -19.63 26.83 -5.63
CA LEU C 131 -19.15 27.33 -6.91
C LEU C 131 -17.76 26.77 -7.15
N LEU C 132 -17.61 25.99 -8.22
CA LEU C 132 -16.35 25.35 -8.57
C LEU C 132 -15.81 26.05 -9.81
N ALA C 133 -14.73 26.81 -9.65
CA ALA C 133 -14.28 27.73 -10.69
C ALA C 133 -12.88 27.40 -11.15
N TYR C 134 -12.60 27.74 -12.41
CA TYR C 134 -11.27 27.66 -13.00
C TYR C 134 -11.01 28.92 -13.79
N SER C 135 -9.87 29.55 -13.55
CA SER C 135 -9.53 30.82 -14.21
C SER C 135 -8.20 30.69 -14.94
N PRO C 136 -8.12 31.03 -16.22
CA PRO C 136 -6.86 30.96 -16.95
C PRO C 136 -5.88 32.03 -16.47
N PRO C 137 -4.58 31.87 -16.74
CA PRO C 137 -3.60 32.85 -16.23
C PRO C 137 -3.63 34.19 -16.97
N GLY C 138 -2.86 35.13 -16.47
CA GLY C 138 -2.82 36.48 -17.02
C GLY C 138 -3.14 37.51 -15.97
N ALA C 139 -4.09 37.20 -15.11
CA ALA C 139 -4.35 37.93 -13.88
C ALA C 139 -3.79 37.10 -12.72
N GLY C 140 -4.08 37.53 -11.50
CA GLY C 140 -3.68 36.72 -10.37
C GLY C 140 -4.72 35.68 -10.01
N VAL C 141 -4.64 35.14 -8.80
CA VAL C 141 -5.66 34.25 -8.27
C VAL C 141 -6.85 35.12 -7.86
N PRO C 142 -8.09 34.72 -8.15
CA PRO C 142 -9.24 35.54 -7.77
C PRO C 142 -9.43 35.60 -6.26
N LYS C 143 -9.66 36.82 -5.76
CA LYS C 143 -9.80 37.09 -4.34
C LYS C 143 -11.22 36.97 -3.83
N ASN C 144 -12.21 37.12 -4.69
CA ASN C 144 -13.61 37.13 -4.31
C ASN C 144 -14.38 36.11 -5.14
N ARG C 145 -15.65 35.91 -4.78
CA ARG C 145 -16.55 35.14 -5.63
C ARG C 145 -16.93 35.90 -6.88
N LYS C 146 -16.89 37.24 -6.84
CA LYS C 146 -17.18 38.04 -8.01
C LYS C 146 -16.08 37.92 -9.05
N ASP C 147 -14.82 37.85 -8.63
CA ASP C 147 -13.73 37.65 -9.56
C ASP C 147 -13.68 36.24 -10.10
N ALA C 148 -14.13 35.26 -9.31
CA ALA C 148 -14.03 33.86 -9.70
C ALA C 148 -15.16 33.42 -10.63
N MET C 149 -16.29 34.11 -10.61
CA MET C 149 -17.40 33.76 -11.47
C MET C 149 -17.22 34.24 -12.90
N LEU C 150 -16.19 35.04 -13.18
CA LEU C 150 -15.95 35.51 -14.53
C LEU C 150 -15.26 34.47 -15.40
N GLY C 151 -14.73 33.40 -14.82
CA GLY C 151 -14.10 32.35 -15.59
C GLY C 151 -15.02 31.15 -15.80
N THR C 152 -14.43 29.98 -16.00
CA THR C 152 -15.19 28.75 -16.21
C THR C 152 -15.62 28.21 -14.87
N HIS C 153 -16.92 28.18 -14.62
CA HIS C 153 -17.43 27.74 -13.33
C HIS C 153 -18.64 26.84 -13.51
N VAL C 154 -18.84 25.97 -12.52
CA VAL C 154 -20.02 25.13 -12.39
C VAL C 154 -20.61 25.39 -11.01
N ILE C 155 -21.94 25.46 -10.93
CA ILE C 155 -22.64 25.57 -9.66
C ILE C 155 -23.19 24.19 -9.31
N TRP C 156 -22.78 23.68 -8.16
CA TRP C 156 -23.10 22.32 -7.73
C TRP C 156 -24.20 22.38 -6.68
N ASP C 157 -25.31 21.70 -6.96
CA ASP C 157 -26.41 21.54 -6.02
C ASP C 157 -26.28 20.17 -5.37
N VAL C 158 -26.16 20.15 -4.05
CA VAL C 158 -25.96 18.92 -3.30
C VAL C 158 -27.32 18.26 -3.08
N GLY C 159 -27.47 17.03 -3.57
CA GLY C 159 -28.72 16.29 -3.41
C GLY C 159 -28.49 14.80 -3.27
N LEU C 160 -29.30 14.00 -3.95
CA LEU C 160 -29.12 12.55 -3.91
C LEU C 160 -27.91 12.11 -4.72
N GLN C 161 -27.70 12.72 -5.89
CA GLN C 161 -26.45 12.52 -6.62
C GLN C 161 -25.36 13.33 -5.96
N SER C 162 -24.49 12.64 -5.20
CA SER C 162 -23.57 13.31 -4.29
C SER C 162 -22.23 13.65 -4.92
N SER C 163 -22.14 13.78 -6.24
CA SER C 163 -20.90 14.10 -6.90
C SER C 163 -21.14 15.06 -8.05
N CYS C 164 -20.13 15.90 -8.31
CA CYS C 164 -20.15 16.82 -9.44
C CYS C 164 -18.75 16.90 -10.04
N VAL C 165 -18.70 17.05 -11.35
CA VAL C 165 -17.44 17.08 -12.09
C VAL C 165 -17.23 18.49 -12.62
N LEU C 166 -16.07 19.06 -12.31
CA LEU C 166 -15.59 20.29 -12.93
C LEU C 166 -14.53 19.90 -13.95
N CYS C 167 -14.85 20.03 -15.23
CA CYS C 167 -13.96 19.63 -16.30
C CYS C 167 -13.13 20.84 -16.73
N VAL C 168 -11.84 20.80 -16.44
CA VAL C 168 -10.93 21.89 -16.80
C VAL C 168 -10.58 21.74 -18.28
N PRO C 169 -10.96 22.67 -19.13
CA PRO C 169 -10.69 22.53 -20.57
C PRO C 169 -9.25 22.90 -20.90
N TRP C 170 -8.79 22.41 -22.05
CA TRP C 170 -7.45 22.71 -22.54
C TRP C 170 -7.47 24.07 -23.21
N ILE C 171 -7.01 25.09 -22.50
CA ILE C 171 -6.86 26.43 -23.03
C ILE C 171 -5.39 26.79 -22.90
N SER C 172 -4.64 26.66 -23.99
CA SER C 172 -3.23 27.00 -23.97
C SER C 172 -2.87 27.64 -25.30
N GLN C 173 -1.75 28.36 -25.30
CA GLN C 173 -1.24 28.94 -26.54
C GLN C 173 -0.47 27.93 -27.37
N THR C 174 0.14 26.94 -26.73
CA THR C 174 0.94 25.93 -27.38
C THR C 174 0.14 24.64 -27.50
N HIS C 175 0.77 23.61 -28.04
CA HIS C 175 0.13 22.30 -28.11
C HIS C 175 0.38 21.47 -26.87
N TYR C 176 1.50 21.70 -26.19
CA TYR C 176 1.88 20.96 -24.98
C TYR C 176 2.26 21.96 -23.90
N ARG C 177 2.32 21.47 -22.67
CA ARG C 177 2.80 22.24 -21.54
C ARG C 177 3.92 21.47 -20.85
N TYR C 178 4.82 22.19 -20.20
CA TYR C 178 5.89 21.55 -19.45
C TYR C 178 5.37 21.00 -18.13
N VAL C 179 5.85 19.82 -17.76
CA VAL C 179 5.47 19.24 -16.48
C VAL C 179 6.18 19.96 -15.34
N VAL C 180 7.45 20.34 -15.55
CA VAL C 180 8.19 21.10 -14.56
C VAL C 180 7.62 22.51 -14.44
N GLU C 181 7.90 23.16 -13.31
CA GLU C 181 7.44 24.52 -13.07
C GLU C 181 8.08 25.49 -14.04
N ASP C 182 7.24 26.21 -14.79
CA ASP C 182 7.70 27.13 -15.81
C ASP C 182 6.66 28.22 -15.95
N GLU C 183 7.10 29.48 -15.87
CA GLU C 183 6.17 30.60 -15.93
C GLU C 183 5.65 30.84 -17.34
N TYR C 184 6.33 30.30 -18.36
CA TYR C 184 5.86 30.46 -19.73
C TYR C 184 4.62 29.62 -20.03
N THR C 185 4.51 28.45 -19.39
CA THR C 185 3.39 27.56 -19.66
C THR C 185 2.56 27.32 -18.40
N ALA C 186 2.21 28.38 -17.69
CA ALA C 186 1.30 28.26 -16.57
C ALA C 186 -0.10 27.92 -17.07
N ALA C 187 -0.91 27.33 -16.19
CA ALA C 187 -2.21 26.82 -16.59
C ALA C 187 -3.40 27.43 -15.88
N GLY C 188 -3.20 28.14 -14.76
CA GLY C 188 -4.28 28.80 -14.08
C GLY C 188 -4.48 28.31 -12.66
N TYR C 189 -5.69 28.55 -12.16
CA TYR C 189 -6.03 28.31 -10.77
C TYR C 189 -7.40 27.67 -10.66
N VAL C 190 -7.56 26.80 -9.66
CA VAL C 190 -8.84 26.16 -9.36
C VAL C 190 -9.22 26.53 -7.94
N THR C 191 -10.33 27.22 -7.77
CA THR C 191 -10.82 27.66 -6.47
C THR C 191 -12.22 27.13 -6.23
N CYS C 192 -12.69 27.27 -4.99
CA CYS C 192 -14.03 26.86 -4.62
C CYS C 192 -14.59 27.84 -3.60
N TRP C 193 -15.87 28.19 -3.78
CA TRP C 193 -16.52 29.23 -3.02
C TRP C 193 -17.89 28.76 -2.58
N TYR C 194 -18.39 29.37 -1.50
CA TYR C 194 -19.74 29.11 -1.02
C TYR C 194 -20.72 29.90 -1.87
N GLN C 195 -21.64 29.19 -2.53
CA GLN C 195 -22.72 29.87 -3.24
C GLN C 195 -23.84 30.23 -2.28
N THR C 196 -24.37 29.23 -1.58
CA THR C 196 -25.25 29.41 -0.44
C THR C 196 -24.57 28.78 0.77
N ASN C 197 -25.30 28.71 1.88
CA ASN C 197 -24.73 28.17 3.11
C ASN C 197 -25.12 26.69 3.26
N ILE C 198 -24.47 26.02 4.19
CA ILE C 198 -24.81 24.66 4.59
C ILE C 198 -25.88 24.80 5.67
N VAL C 199 -27.12 24.54 5.31
CA VAL C 199 -28.22 24.61 6.26
C VAL C 199 -28.46 23.20 6.78
N VAL C 200 -28.51 23.06 8.10
CA VAL C 200 -28.52 21.74 8.74
C VAL C 200 -29.61 21.76 9.82
N PRO C 201 -30.31 20.66 10.04
CA PRO C 201 -31.33 20.65 11.11
C PRO C 201 -30.75 20.45 12.50
N ALA C 202 -31.63 20.32 13.49
CA ALA C 202 -31.21 20.08 14.86
C ALA C 202 -30.77 18.64 15.04
N ASP C 203 -29.90 18.42 16.03
CA ASP C 203 -29.30 17.13 16.37
C ASP C 203 -28.53 16.50 15.20
N VAL C 204 -28.02 17.34 14.29
CA VAL C 204 -27.12 16.92 13.23
C VAL C 204 -25.87 17.78 13.34
N GLN C 205 -24.71 17.17 13.09
CA GLN C 205 -23.44 17.88 13.20
C GLN C 205 -23.30 18.92 12.09
N SER C 206 -22.81 20.11 12.45
CA SER C 206 -22.73 21.21 11.52
C SER C 206 -21.57 21.08 10.55
N SER C 207 -20.53 20.35 10.95
CA SER C 207 -19.30 20.26 10.16
C SER C 207 -19.33 19.01 9.28
N CYS C 208 -19.11 19.19 7.98
CA CYS C 208 -19.08 18.12 7.01
C CYS C 208 -17.69 18.04 6.38
N ASP C 209 -17.53 17.13 5.42
CA ASP C 209 -16.27 16.94 4.71
C ASP C 209 -16.55 16.79 3.22
N ILE C 210 -15.50 16.95 2.42
CA ILE C 210 -15.57 16.81 0.97
C ILE C 210 -14.33 16.05 0.51
N LEU C 211 -14.52 15.01 -0.30
CA LEU C 211 -13.42 14.34 -0.98
C LEU C 211 -13.29 14.88 -2.40
N CYS C 212 -12.10 14.74 -2.96
CA CYS C 212 -11.79 15.26 -4.28
C CYS C 212 -10.97 14.24 -5.07
N PHE C 213 -11.34 14.04 -6.33
CA PHE C 213 -10.71 13.06 -7.20
C PHE C 213 -10.26 13.74 -8.48
N VAL C 214 -9.14 13.27 -9.02
CA VAL C 214 -8.62 13.80 -10.28
C VAL C 214 -8.37 12.63 -11.22
N SER C 215 -8.58 12.88 -12.52
CA SER C 215 -8.27 11.93 -13.57
C SER C 215 -8.08 12.72 -14.86
N ALA C 216 -7.89 12.01 -15.96
CA ALA C 216 -7.63 12.62 -17.25
C ALA C 216 -8.77 12.31 -18.20
N CYS C 217 -8.94 13.16 -19.20
CA CYS C 217 -9.95 12.95 -20.23
C CYS C 217 -9.37 12.05 -21.32
N ASN C 218 -10.12 11.84 -22.40
CA ASN C 218 -9.67 10.99 -23.49
C ASN C 218 -8.86 11.74 -24.54
N ASP C 219 -8.65 13.04 -24.35
CA ASP C 219 -7.74 13.82 -25.19
C ASP C 219 -6.40 14.08 -24.51
N PHE C 220 -6.11 13.35 -23.44
CA PHE C 220 -4.87 13.53 -22.71
C PHE C 220 -3.75 12.72 -23.35
N SER C 221 -2.54 13.29 -23.36
CA SER C 221 -1.37 12.59 -23.90
C SER C 221 -0.13 13.13 -23.22
N VAL C 222 0.97 12.37 -23.35
CA VAL C 222 2.25 12.68 -22.73
C VAL C 222 3.35 12.50 -23.76
N ARG C 223 4.54 12.98 -23.43
CA ARG C 223 5.63 13.04 -24.41
C ARG C 223 6.96 13.17 -23.69
N MET C 224 8.02 12.69 -24.35
CA MET C 224 9.44 12.87 -23.96
C MET C 224 9.74 12.29 -22.58
N LEU C 225 9.71 10.95 -22.54
CA LEU C 225 9.97 10.17 -21.34
C LEU C 225 11.31 10.50 -20.68
N LYS C 226 11.31 10.59 -19.36
CA LYS C 226 12.50 10.90 -18.57
C LYS C 226 12.46 10.08 -17.29
N ASP C 227 13.39 10.34 -16.37
CA ASP C 227 13.41 9.62 -15.11
C ASP C 227 12.84 10.47 -13.98
N THR C 228 12.17 9.80 -13.04
CA THR C 228 11.38 10.46 -12.00
C THR C 228 12.29 11.01 -10.90
N PRO C 229 11.89 12.13 -10.27
CA PRO C 229 12.67 12.68 -9.16
C PRO C 229 12.20 12.20 -7.80
N PHE C 230 11.32 11.20 -7.78
CA PHE C 230 10.69 10.73 -6.55
C PHE C 230 11.34 9.48 -5.99
N ILE C 231 12.58 9.20 -6.35
CA ILE C 231 13.30 8.06 -5.79
C ILE C 231 14.78 8.41 -5.72
N ARG C 232 15.46 7.88 -4.71
CA ARG C 232 16.85 8.18 -4.44
C ARG C 232 17.58 6.90 -4.08
N GLN C 233 18.91 7.01 -3.98
CA GLN C 233 19.79 5.92 -3.60
C GLN C 233 21.16 6.47 -3.24
N ASP C 234 21.84 5.81 -2.31
CA ASP C 234 23.25 6.05 -2.05
C ASP C 234 24.10 4.84 -2.34
N THR C 235 23.66 3.65 -1.94
CA THR C 235 24.37 2.41 -2.20
C THR C 235 23.36 1.32 -2.55
N PHE C 236 23.89 0.16 -2.91
CA PHE C 236 23.06 -0.98 -3.28
C PHE C 236 22.29 -1.52 -2.07
N TYR C 237 21.19 -2.20 -2.34
CA TYR C 237 20.40 -2.82 -1.29
C TYR C 237 20.82 -4.27 -1.09
N ALA D 3 11.30 -10.64 -46.31
CA ALA D 3 11.41 -9.20 -46.07
C ALA D 3 10.06 -8.59 -45.73
N GLN D 4 10.06 -7.71 -44.74
CA GLN D 4 8.84 -7.03 -44.30
C GLN D 4 9.00 -5.53 -44.47
N VAL D 5 7.98 -4.89 -45.04
CA VAL D 5 7.98 -3.45 -45.29
C VAL D 5 6.87 -2.84 -44.44
N SER D 6 7.23 -1.89 -43.58
CA SER D 6 6.31 -1.30 -42.62
C SER D 6 6.25 0.22 -42.84
N THR D 7 5.60 0.93 -41.90
CA THR D 7 5.04 2.24 -42.20
C THR D 7 5.84 3.44 -41.69
N GLN D 8 6.81 3.26 -40.78
CA GLN D 8 7.75 4.31 -40.38
C GLN D 8 7.12 5.58 -39.80
N LYS D 9 6.71 5.52 -38.52
CA LYS D 9 6.10 6.61 -37.75
C LYS D 9 6.67 7.99 -38.05
N THR D 10 5.76 8.92 -38.34
CA THR D 10 6.10 10.28 -38.75
C THR D 10 5.01 11.24 -38.31
N GLY D 11 5.18 12.52 -38.63
CA GLY D 11 4.17 13.52 -38.30
C GLY D 11 3.09 13.63 -39.34
N ILE D 25 6.34 7.23 -45.86
CA ILE D 25 7.67 6.73 -46.17
C ILE D 25 7.76 5.36 -45.50
N HIS D 26 8.39 4.39 -46.14
CA HIS D 26 8.46 3.02 -45.65
C HIS D 26 9.87 2.68 -45.20
N TYR D 27 9.98 1.60 -44.44
CA TYR D 27 11.28 1.02 -44.10
C TYR D 27 11.17 -0.49 -44.19
N THR D 28 12.32 -1.14 -44.35
CA THR D 28 12.38 -2.58 -44.56
C THR D 28 13.02 -3.27 -43.36
N ASN D 29 12.79 -4.57 -43.23
CA ASN D 29 13.27 -5.33 -42.09
C ASN D 29 13.37 -6.81 -42.46
N ILE D 30 14.50 -7.42 -42.13
CA ILE D 30 14.72 -8.86 -42.30
C ILE D 30 15.21 -9.43 -40.97
N ASN D 31 14.65 -10.57 -40.58
CA ASN D 31 15.10 -11.28 -39.39
C ASN D 31 16.24 -12.23 -39.74
N TYR D 32 17.31 -12.20 -38.95
CA TYR D 32 18.52 -12.94 -39.26
C TYR D 32 18.75 -14.17 -38.38
N TYR D 33 18.09 -14.26 -37.24
CA TYR D 33 18.33 -15.34 -36.30
C TYR D 33 17.12 -16.27 -36.25
N LYS D 34 17.33 -17.46 -35.69
CA LYS D 34 16.34 -18.51 -35.71
C LYS D 34 15.33 -18.41 -34.57
N ASP D 35 15.58 -17.58 -33.57
CA ASP D 35 14.74 -17.49 -32.38
C ASP D 35 13.92 -16.22 -32.42
N ALA D 36 12.67 -16.31 -31.99
CA ALA D 36 11.79 -15.16 -31.99
C ALA D 36 12.03 -14.22 -30.82
N ALA D 37 12.88 -14.62 -29.86
CA ALA D 37 13.34 -13.74 -28.81
C ALA D 37 14.50 -12.86 -29.25
N SER D 38 14.93 -12.99 -30.49
CA SER D 38 16.07 -12.26 -31.04
C SER D 38 15.66 -11.06 -31.87
N ASN D 39 14.37 -10.84 -32.05
CA ASN D 39 13.89 -9.80 -32.96
C ASN D 39 14.00 -8.43 -32.31
N SER D 40 13.63 -7.40 -33.06
CA SER D 40 13.62 -6.05 -32.54
C SER D 40 12.39 -5.83 -31.66
N ALA D 41 12.30 -4.65 -31.06
CA ALA D 41 11.14 -4.33 -30.25
C ALA D 41 9.93 -4.03 -31.13
N ASN D 42 8.75 -4.14 -30.54
CA ASN D 42 7.51 -4.00 -31.30
C ASN D 42 7.24 -2.56 -31.67
N ARG D 43 7.03 -1.71 -30.66
CA ARG D 43 7.02 -0.24 -30.73
C ARG D 43 5.88 0.39 -31.53
N GLN D 44 5.10 -0.40 -32.27
CA GLN D 44 3.97 0.12 -33.02
C GLN D 44 2.75 -0.77 -32.83
N ASP D 45 2.59 -1.32 -31.63
CA ASP D 45 1.37 -2.03 -31.24
C ASP D 45 0.59 -1.09 -30.33
N PHE D 46 -0.44 -0.47 -30.88
CA PHE D 46 -1.17 0.59 -30.21
C PHE D 46 -2.61 0.16 -29.94
N THR D 47 -2.85 -0.47 -28.80
CA THR D 47 -4.17 -0.92 -28.41
C THR D 47 -4.53 -0.23 -27.10
N GLN D 48 -5.79 0.19 -26.97
CA GLN D 48 -6.27 0.79 -25.74
C GLN D 48 -7.61 0.21 -25.36
N ASP D 49 -7.74 -0.22 -24.10
CA ASP D 49 -9.02 -0.67 -23.56
C ASP D 49 -9.10 -0.19 -22.12
N PRO D 50 -9.49 1.07 -21.90
CA PRO D 50 -9.60 1.58 -20.53
C PRO D 50 -10.91 1.24 -19.84
N GLY D 51 -11.85 0.59 -20.53
CA GLY D 51 -13.15 0.30 -19.96
C GLY D 51 -13.12 -0.76 -18.88
N LYS D 52 -12.04 -1.53 -18.79
CA LYS D 52 -11.91 -2.52 -17.73
C LYS D 52 -11.39 -1.93 -16.44
N PHE D 53 -10.87 -0.70 -16.47
CA PHE D 53 -10.44 0.00 -15.27
C PHE D 53 -11.34 1.18 -14.90
N THR D 54 -11.87 1.89 -15.89
CA THR D 54 -12.69 3.06 -15.64
C THR D 54 -14.16 2.72 -15.46
N GLU D 55 -14.67 1.72 -16.17
CA GLU D 55 -16.06 1.27 -16.04
C GLU D 55 -16.11 -0.22 -15.75
N PRO D 56 -15.66 -0.66 -14.56
CA PRO D 56 -15.69 -2.08 -14.21
C PRO D 56 -17.00 -2.49 -13.53
N VAL D 57 -18.13 -2.06 -14.07
CA VAL D 57 -19.40 -2.22 -13.41
C VAL D 57 -20.21 -3.28 -14.14
N LYS D 58 -21.33 -3.68 -13.54
CA LYS D 58 -22.18 -4.70 -14.11
C LYS D 58 -23.26 -4.11 -15.01
N ASP D 59 -23.92 -3.05 -14.55
CA ASP D 59 -24.92 -2.36 -15.36
C ASP D 59 -24.30 -1.15 -16.03
N ILE D 60 -24.52 -1.04 -17.35
CA ILE D 60 -23.94 0.04 -18.12
C ILE D 60 -24.64 1.36 -17.78
N MET D 61 -23.85 2.37 -17.43
CA MET D 61 -24.36 3.67 -17.02
C MET D 61 -24.24 4.63 -18.20
N VAL D 62 -25.36 5.22 -18.58
CA VAL D 62 -25.37 6.26 -19.60
C VAL D 62 -24.86 7.55 -18.99
N LYS D 63 -24.13 8.34 -19.79
CA LYS D 63 -23.48 9.54 -19.29
C LYS D 63 -24.49 10.63 -18.94
N THR D 64 -25.57 10.74 -19.72
CA THR D 64 -26.53 11.81 -19.53
C THR D 64 -27.61 11.47 -18.51
N MET D 65 -27.69 10.22 -18.06
CA MET D 65 -28.71 9.80 -17.12
C MET D 65 -28.17 9.85 -15.69
N PRO D 66 -29.04 10.00 -14.69
CA PRO D 66 -28.58 9.95 -13.30
C PRO D 66 -28.11 8.56 -12.92
N ALA D 67 -27.09 8.54 -12.05
CA ALA D 67 -26.43 7.29 -11.70
C ALA D 67 -27.29 6.39 -10.83
N LEU D 68 -28.10 6.98 -9.95
CA LEU D 68 -29.01 6.23 -9.09
C LEU D 68 -30.43 6.69 -9.37
N ASN D 69 -31.38 5.76 -9.30
CA ASN D 69 -32.77 6.06 -9.64
C ASN D 69 -33.75 5.42 -8.68
N ASP E 1 17.73 3.54 28.30
CA ASP E 1 16.63 3.40 27.34
C ASP E 1 15.90 4.73 27.12
N ILE E 2 14.71 4.87 27.67
CA ILE E 2 13.90 6.07 27.53
C ILE E 2 13.00 6.19 28.77
N GLN E 3 13.02 7.36 29.40
CA GLN E 3 12.33 7.58 30.67
C GLN E 3 11.26 8.64 30.52
N MET E 4 10.10 8.38 31.11
CA MET E 4 8.97 9.30 31.06
C MET E 4 8.94 10.14 32.33
N THR E 5 9.06 11.45 32.16
CA THR E 5 9.04 12.39 33.27
C THR E 5 7.64 12.95 33.45
N GLN E 6 7.04 12.71 34.61
CA GLN E 6 5.68 13.14 34.88
C GLN E 6 5.69 14.31 35.85
N SER E 7 4.95 15.36 35.51
CA SER E 7 4.91 16.57 36.33
C SER E 7 3.48 17.11 36.39
N PRO E 8 3.02 17.56 37.57
CA PRO E 8 3.71 17.56 38.86
C PRO E 8 3.53 16.26 39.63
N ALA E 9 4.07 16.21 40.85
CA ALA E 9 3.96 15.00 41.66
C ALA E 9 2.59 14.90 42.32
N SER E 10 2.01 16.03 42.71
CA SER E 10 0.72 16.04 43.38
C SER E 10 0.02 17.36 43.11
N LEU E 11 -1.31 17.34 43.23
CA LEU E 11 -2.15 18.51 42.99
C LEU E 11 -3.24 18.60 44.04
N SER E 12 -3.77 19.81 44.23
CA SER E 12 -4.90 20.07 45.10
C SER E 12 -5.89 20.96 44.36
N VAL E 13 -7.03 20.40 43.97
CA VAL E 13 -8.03 21.13 43.20
C VAL E 13 -9.39 20.94 43.85
N SER E 14 -10.42 21.51 43.23
CA SER E 14 -11.78 21.41 43.72
C SER E 14 -12.69 20.90 42.60
N VAL E 15 -13.95 20.66 42.95
CA VAL E 15 -14.93 20.19 41.97
C VAL E 15 -15.34 21.35 41.08
N GLY E 16 -15.14 21.18 39.76
CA GLY E 16 -15.38 22.22 38.81
C GLY E 16 -14.14 22.91 38.27
N GLU E 17 -12.95 22.47 38.71
CA GLU E 17 -11.70 23.06 38.28
C GLU E 17 -11.11 22.25 37.13
N THR E 18 -10.33 22.93 36.28
CA THR E 18 -9.62 22.30 35.18
C THR E 18 -8.24 21.87 35.66
N VAL E 19 -7.88 20.63 35.36
CA VAL E 19 -6.61 20.05 35.77
C VAL E 19 -5.81 19.72 34.51
N THR E 20 -4.53 20.12 34.51
CA THR E 20 -3.61 19.80 33.43
C THR E 20 -2.44 19.02 34.01
N ILE E 21 -2.24 17.79 33.53
CA ILE E 21 -1.11 16.95 33.91
C ILE E 21 -0.30 16.65 32.67
N THR E 22 1.01 16.88 32.74
CA THR E 22 1.88 16.72 31.58
C THR E 22 2.86 15.57 31.77
N CYS E 23 3.43 15.12 30.65
CA CYS E 23 4.46 14.10 30.63
C CYS E 23 5.49 14.46 29.58
N ARG E 24 6.75 14.11 29.84
CA ARG E 24 7.85 14.39 28.93
C ARG E 24 8.70 13.14 28.77
N ALA E 25 9.14 12.88 27.53
CA ALA E 25 9.94 11.72 27.22
C ALA E 25 11.36 12.12 26.85
N SER E 26 12.27 11.14 26.89
CA SER E 26 13.66 11.40 26.56
C SER E 26 13.84 11.65 25.07
N GLU E 27 13.12 10.91 24.24
CA GLU E 27 13.12 11.12 22.80
C GLU E 27 11.70 10.94 22.27
N ASN E 28 11.57 11.02 20.96
CA ASN E 28 10.26 10.97 20.33
C ASN E 28 9.66 9.57 20.41
N VAL E 29 8.40 9.50 20.80
CA VAL E 29 7.67 8.23 20.88
C VAL E 29 6.58 8.14 19.83
N TYR E 30 6.38 9.21 19.03
CA TYR E 30 5.47 9.24 17.87
C TYR E 30 4.02 8.98 18.28
N ARG E 31 3.61 9.61 19.39
CA ARG E 31 2.26 9.53 19.97
C ARG E 31 1.86 8.11 20.34
N ASN E 32 2.84 7.31 20.75
CA ASN E 32 2.60 5.97 21.26
C ASN E 32 2.56 6.05 22.79
N LEU E 33 1.44 6.56 23.30
CA LEU E 33 1.31 6.92 24.71
C LEU E 33 -0.04 6.49 25.24
N ALA E 34 -0.06 6.11 26.51
CA ALA E 34 -1.28 5.72 27.20
C ALA E 34 -1.37 6.41 28.55
N TRP E 35 -2.57 6.47 29.09
CA TRP E 35 -2.85 7.06 30.40
C TRP E 35 -3.69 6.09 31.22
N TYR E 36 -3.38 5.99 32.51
CA TYR E 36 -4.08 5.08 33.40
C TYR E 36 -4.54 5.81 34.65
N GLN E 37 -5.62 5.31 35.25
CA GLN E 37 -6.15 5.82 36.51
C GLN E 37 -6.20 4.68 37.52
N GLN E 38 -5.68 4.93 38.72
CA GLN E 38 -5.67 3.93 39.79
C GLN E 38 -6.39 4.48 41.01
N LYS E 39 -7.35 3.72 41.50
CA LYS E 39 -8.12 4.06 42.69
C LYS E 39 -7.43 3.43 43.91
N GLN E 40 -8.05 3.38 45.08
CA GLN E 40 -7.39 2.97 46.31
C GLN E 40 -7.22 1.45 46.35
N GLY E 41 -6.00 0.99 46.11
CA GLY E 41 -5.66 -0.42 46.27
C GLY E 41 -6.32 -1.37 45.29
N LYS E 42 -6.43 -0.97 44.03
CA LYS E 42 -7.07 -1.79 43.01
C LYS E 42 -6.22 -1.79 41.74
N SER E 43 -6.73 -2.47 40.72
CA SER E 43 -6.02 -2.53 39.44
C SER E 43 -6.17 -1.21 38.69
N PRO E 44 -5.20 -0.84 37.85
CA PRO E 44 -5.35 0.36 37.04
C PRO E 44 -6.40 0.19 35.96
N GLN E 45 -6.87 1.32 35.44
CA GLN E 45 -7.87 1.36 34.39
C GLN E 45 -7.35 2.19 33.22
N LEU E 46 -7.43 1.65 32.01
CA LEU E 46 -7.03 2.39 30.83
C LEU E 46 -8.02 3.53 30.58
N LEU E 47 -7.47 4.72 30.38
CA LEU E 47 -8.29 5.93 30.26
C LEU E 47 -8.14 6.64 28.93
N VAL E 48 -6.91 6.93 28.50
CA VAL E 48 -6.67 7.57 27.21
C VAL E 48 -5.49 6.86 26.56
N TYR E 49 -5.69 6.43 25.31
CA TYR E 49 -4.63 5.78 24.54
C TYR E 49 -4.38 6.55 23.26
N ALA E 50 -3.21 6.29 22.67
CA ALA E 50 -2.76 6.86 21.37
C ALA E 50 -2.71 8.38 21.38
N ALA E 51 -2.52 8.95 22.58
CA ALA E 51 -2.26 10.36 22.89
C ALA E 51 -3.42 11.31 22.59
N THR E 52 -4.49 10.83 21.94
CA THR E 52 -5.73 11.58 21.79
C THR E 52 -6.97 10.76 22.09
N ASN E 53 -6.94 9.45 21.83
CA ASN E 53 -8.15 8.66 21.81
C ASN E 53 -8.60 8.31 23.22
N LEU E 54 -9.91 8.29 23.43
CA LEU E 54 -10.50 7.94 24.70
C LEU E 54 -10.84 6.45 24.74
N ALA E 55 -10.95 5.91 25.94
CA ALA E 55 -11.20 4.49 26.10
C ALA E 55 -12.69 4.17 25.90
N ASP E 56 -13.06 2.96 26.30
CA ASP E 56 -14.39 2.44 26.01
C ASP E 56 -15.46 3.14 26.83
N GLY E 57 -15.38 3.03 28.17
CA GLY E 57 -16.43 3.60 29.00
C GLY E 57 -16.08 4.96 29.55
N VAL E 58 -14.97 5.53 29.09
CA VAL E 58 -14.47 6.77 29.69
C VAL E 58 -15.32 7.96 29.22
N PRO E 59 -15.84 8.79 30.11
CA PRO E 59 -16.65 9.93 29.69
C PRO E 59 -15.82 11.04 29.06
N SER E 60 -16.52 12.04 28.55
CA SER E 60 -15.89 13.05 27.70
C SER E 60 -15.31 14.23 28.48
N ARG E 61 -15.03 14.07 29.78
CA ARG E 61 -14.35 15.14 30.49
C ARG E 61 -12.84 15.07 30.32
N PHE E 62 -12.32 13.91 29.97
CA PHE E 62 -10.89 13.72 29.77
C PHE E 62 -10.54 14.05 28.33
N SER E 63 -9.30 14.48 28.12
CA SER E 63 -8.85 14.90 26.80
C SER E 63 -7.34 14.73 26.72
N GLY E 64 -6.88 14.16 25.61
CA GLY E 64 -5.46 13.91 25.43
C GLY E 64 -4.89 14.80 24.35
N SER E 65 -3.77 15.46 24.64
CA SER E 65 -3.15 16.41 23.74
C SER E 65 -1.64 16.21 23.78
N GLY E 66 -1.02 16.16 22.61
CA GLY E 66 0.43 16.13 22.57
C GLY E 66 0.96 15.47 21.32
N SER E 67 2.22 15.76 21.03
CA SER E 67 2.94 15.18 19.91
C SER E 67 4.43 15.36 20.18
N GLY E 68 5.23 14.45 19.65
CA GLY E 68 6.67 14.57 19.82
C GLY E 68 7.10 14.08 21.20
N THR E 69 7.62 15.01 21.99
CA THR E 69 8.13 14.70 23.32
C THR E 69 7.31 15.31 24.44
N GLN E 70 6.28 16.09 24.11
CA GLN E 70 5.47 16.80 25.09
C GLN E 70 4.03 16.34 24.95
N TYR E 71 3.43 15.91 26.06
CA TYR E 71 2.07 15.39 26.08
C TYR E 71 1.37 15.93 27.32
N SER E 72 0.04 15.95 27.27
CA SER E 72 -0.75 16.52 28.34
C SER E 72 -2.15 15.91 28.37
N LEU E 73 -2.71 15.83 29.58
CA LEU E 73 -4.09 15.42 29.79
C LEU E 73 -4.84 16.58 30.43
N LYS E 74 -6.12 16.73 30.07
CA LYS E 74 -6.97 17.78 30.61
C LYS E 74 -8.26 17.18 31.13
N ILE E 75 -8.66 17.57 32.33
CA ILE E 75 -9.96 17.19 32.91
C ILE E 75 -10.76 18.47 33.04
N ASN E 76 -11.92 18.53 32.37
CA ASN E 76 -12.65 19.77 32.27
C ASN E 76 -13.39 20.10 33.57
N SER E 77 -14.25 19.20 34.02
CA SER E 77 -15.01 19.38 35.25
C SER E 77 -14.78 18.16 36.12
N LEU E 78 -14.28 18.38 37.33
CA LEU E 78 -14.03 17.29 38.26
C LEU E 78 -15.32 16.76 38.85
N GLN E 79 -15.32 15.47 39.16
CA GLN E 79 -16.36 14.83 39.95
C GLN E 79 -15.72 14.09 41.10
N SER E 80 -16.54 13.39 41.88
CA SER E 80 -16.03 12.65 43.02
C SER E 80 -15.34 11.37 42.58
N GLU E 81 -15.61 10.92 41.35
CA GLU E 81 -15.09 9.66 40.84
C GLU E 81 -13.71 9.78 40.22
N ASP E 82 -13.09 10.94 40.24
CA ASP E 82 -11.89 11.16 39.45
C ASP E 82 -10.59 11.28 40.25
N PHE E 83 -10.66 11.35 41.59
CA PHE E 83 -9.42 11.50 42.32
C PHE E 83 -8.69 10.16 42.42
N GLY E 84 -7.37 10.23 42.48
CA GLY E 84 -6.51 9.07 42.51
C GLY E 84 -5.23 9.33 41.77
N SER E 85 -4.54 8.25 41.41
CA SER E 85 -3.24 8.32 40.77
C SER E 85 -3.38 8.25 39.26
N TYR E 86 -2.56 9.03 38.57
CA TYR E 86 -2.53 9.07 37.11
C TYR E 86 -1.11 8.83 36.62
N PHE E 87 -0.97 7.84 35.74
CA PHE E 87 0.33 7.47 35.17
C PHE E 87 0.27 7.68 33.67
N CYS E 88 1.45 7.87 33.07
CA CYS E 88 1.60 7.86 31.63
C CYS E 88 2.63 6.82 31.24
N GLN E 89 2.35 6.07 30.18
CA GLN E 89 3.19 4.98 29.73
C GLN E 89 3.36 5.07 28.22
N HIS E 90 4.58 4.82 27.75
CA HIS E 90 4.85 4.72 26.33
C HIS E 90 4.95 3.24 25.95
N PHE E 91 4.45 2.90 24.76
CA PHE E 91 4.59 1.56 24.21
C PHE E 91 5.30 1.59 22.87
N TRP E 92 6.27 2.49 22.73
CA TRP E 92 6.94 2.67 21.45
C TRP E 92 7.85 1.50 21.13
N SER E 93 8.73 1.14 22.07
CA SER E 93 9.63 0.01 21.92
C SER E 93 10.05 -0.45 23.30
N PRO E 94 10.36 -1.74 23.48
CA PRO E 94 10.89 -2.19 24.78
C PRO E 94 12.26 -1.58 25.05
N VAL E 95 12.51 -1.17 26.30
CA VAL E 95 11.66 -1.42 27.47
C VAL E 95 10.58 -0.36 27.68
N PHE E 96 9.33 -0.82 27.87
CA PHE E 96 8.24 0.09 28.15
C PHE E 96 8.40 0.66 29.56
N THR E 97 8.18 1.97 29.69
CA THR E 97 8.48 2.68 30.92
C THR E 97 7.27 3.49 31.36
N PHE E 98 6.84 3.29 32.60
CA PHE E 98 5.73 4.04 33.15
C PHE E 98 6.19 5.40 33.69
N GLY E 99 5.22 6.26 33.96
CA GLY E 99 5.51 7.52 34.60
C GLY E 99 5.67 7.38 36.10
N ALA E 100 6.09 8.48 36.73
CA ALA E 100 6.34 8.44 38.17
C ALA E 100 5.05 8.46 38.96
N GLY E 101 4.05 9.19 38.49
CA GLY E 101 2.78 9.23 39.17
C GLY E 101 2.37 10.64 39.54
N THR E 102 1.06 10.88 39.56
CA THR E 102 0.49 12.15 39.95
C THR E 102 -0.83 11.91 40.66
N LYS E 103 -0.95 12.40 41.89
CA LYS E 103 -2.10 12.15 42.73
C LYS E 103 -2.93 13.43 42.91
N LEU E 104 -4.24 13.25 43.03
CA LEU E 104 -5.19 14.35 43.15
C LEU E 104 -5.73 14.40 44.58
N GLU E 105 -6.03 15.61 45.06
CA GLU E 105 -6.45 15.75 46.45
C GLU E 105 -7.97 15.86 46.59
N LEU E 106 -8.58 16.77 45.83
CA LEU E 106 -9.98 17.21 46.01
C LEU E 106 -10.24 17.63 47.47
N LYS E 107 -9.55 18.69 47.89
CA LYS E 107 -9.75 19.25 49.22
C LYS E 107 -11.06 20.01 49.29
N GLN F 1 -18.09 -8.93 27.15
CA GLN F 1 -17.75 -10.25 27.67
C GLN F 1 -16.98 -10.14 28.98
N VAL F 2 -16.63 -11.30 29.54
CA VAL F 2 -15.89 -11.38 30.80
C VAL F 2 -14.42 -11.55 30.49
N GLN F 3 -13.58 -11.33 31.50
CA GLN F 3 -12.15 -11.19 31.32
C GLN F 3 -11.38 -12.09 32.30
N LEU F 4 -10.08 -11.84 32.38
CA LEU F 4 -9.13 -12.79 32.96
C LEU F 4 -8.97 -12.62 34.46
N LYS F 5 -8.34 -13.62 35.09
CA LYS F 5 -7.97 -13.62 36.50
C LYS F 5 -6.76 -14.51 36.71
N GLN F 6 -6.16 -14.42 37.89
CA GLN F 6 -4.90 -15.10 38.17
C GLN F 6 -4.93 -15.79 39.53
N SER F 7 -3.92 -16.62 39.76
CA SER F 7 -3.78 -17.40 40.99
C SER F 7 -2.30 -17.48 41.36
N GLY F 8 -2.02 -17.38 42.66
CA GLY F 8 -0.65 -17.25 43.12
C GLY F 8 -0.34 -17.93 44.44
N PRO F 9 0.97 -18.16 44.69
CA PRO F 9 1.37 -18.84 45.93
C PRO F 9 1.24 -17.99 47.17
N GLY F 10 1.25 -16.67 47.03
CA GLY F 10 1.13 -15.76 48.15
C GLY F 10 2.44 -15.28 48.75
N LEU F 11 3.17 -16.13 49.47
CA LEU F 11 4.45 -15.72 50.06
C LEU F 11 5.37 -16.93 50.21
N VAL F 12 6.61 -16.78 49.77
CA VAL F 12 7.63 -17.82 49.85
C VAL F 12 8.92 -17.22 50.39
N GLN F 13 9.90 -18.10 50.66
CA GLN F 13 11.22 -17.84 51.25
C GLN F 13 12.08 -17.04 50.30
N PRO F 14 13.17 -16.36 50.77
CA PRO F 14 14.11 -15.73 49.85
C PRO F 14 14.87 -16.73 49.00
N SER F 15 15.33 -16.28 47.82
CA SER F 15 16.03 -17.10 46.82
C SER F 15 15.22 -18.33 46.42
N GLN F 16 13.90 -18.18 46.28
CA GLN F 16 13.02 -19.23 45.84
C GLN F 16 12.27 -18.75 44.61
N SER F 17 12.04 -19.66 43.67
CA SER F 17 11.41 -19.25 42.42
C SER F 17 9.92 -19.03 42.63
N LEU F 18 9.36 -18.12 41.82
CA LEU F 18 7.96 -17.75 41.91
C LEU F 18 7.23 -18.21 40.66
N SER F 19 5.98 -18.66 40.85
CA SER F 19 5.14 -19.09 39.74
C SER F 19 3.73 -18.58 39.96
N ILE F 20 3.32 -17.63 39.13
CA ILE F 20 1.96 -17.11 39.12
C ILE F 20 1.35 -17.43 37.75
N THR F 21 0.12 -17.93 37.75
CA THR F 21 -0.55 -18.36 36.54
C THR F 21 -1.78 -17.51 36.29
N CYS F 22 -1.83 -16.88 35.12
CA CYS F 22 -2.98 -16.10 34.69
C CYS F 22 -3.80 -16.97 33.73
N THR F 23 -5.08 -17.11 34.04
CA THR F 23 -6.00 -17.86 33.19
C THR F 23 -6.98 -16.90 32.53
N VAL F 24 -7.04 -16.95 31.20
CA VAL F 24 -7.77 -15.96 30.43
C VAL F 24 -9.15 -16.52 30.08
N SER F 25 -10.07 -15.60 29.80
CA SER F 25 -11.44 -15.97 29.46
C SER F 25 -12.07 -14.82 28.67
N GLY F 26 -12.94 -15.19 27.73
CA GLY F 26 -13.62 -14.20 26.93
C GLY F 26 -12.94 -13.90 25.61
N PHE F 27 -11.66 -14.25 25.52
CA PHE F 27 -10.87 -14.02 24.31
C PHE F 27 -9.87 -15.16 24.16
N SER F 28 -9.23 -15.21 23.00
CA SER F 28 -8.27 -16.26 22.69
C SER F 28 -6.85 -15.71 22.72
N LEU F 29 -5.89 -16.57 23.05
CA LEU F 29 -4.51 -16.12 23.17
C LEU F 29 -3.82 -16.01 21.83
N THR F 30 -4.46 -16.46 20.76
CA THR F 30 -3.88 -16.33 19.43
C THR F 30 -4.15 -14.96 18.83
N ASN F 31 -5.00 -14.16 19.48
CA ASN F 31 -5.34 -12.86 18.94
C ASN F 31 -4.75 -11.73 19.79
N TYR F 32 -4.42 -12.00 21.04
CA TYR F 32 -3.98 -10.98 21.98
C TYR F 32 -2.74 -11.45 22.73
N GLY F 33 -1.95 -10.50 23.23
CA GLY F 33 -0.81 -10.82 24.06
C GLY F 33 -1.01 -10.40 25.51
N VAL F 34 -0.17 -10.94 26.39
CA VAL F 34 -0.32 -10.77 27.83
C VAL F 34 0.93 -10.08 28.38
N HIS F 35 0.73 -8.98 29.10
CA HIS F 35 1.80 -8.21 29.72
C HIS F 35 1.89 -8.53 31.19
N TRP F 36 3.10 -8.36 31.76
CA TRP F 36 3.35 -8.61 33.17
C TRP F 36 3.94 -7.34 33.79
N VAL F 37 3.15 -6.68 34.62
CA VAL F 37 3.50 -5.39 35.21
C VAL F 37 3.60 -5.58 36.73
N ARG F 38 4.49 -4.84 37.37
CA ARG F 38 4.80 -4.98 38.79
C ARG F 38 4.64 -3.65 39.49
N GLN F 39 3.61 -3.52 40.33
CA GLN F 39 3.37 -2.30 41.09
C GLN F 39 4.14 -2.36 42.41
N SER F 40 5.19 -1.55 42.51
CA SER F 40 6.07 -1.52 43.66
C SER F 40 5.76 -0.30 44.52
N PRO F 41 5.94 -0.39 45.83
CA PRO F 41 5.76 0.80 46.67
C PRO F 41 6.87 1.83 46.51
N GLY F 42 8.12 1.37 46.36
CA GLY F 42 9.23 2.30 46.26
C GLY F 42 9.58 2.65 44.82
N LYS F 43 9.24 1.78 43.88
CA LYS F 43 9.63 1.96 42.48
C LYS F 43 8.45 2.17 41.55
N GLY F 44 7.23 2.25 42.05
CA GLY F 44 6.08 2.50 41.21
C GLY F 44 5.72 1.30 40.33
N LEU F 45 5.17 1.61 39.17
CA LEU F 45 4.85 0.59 38.20
C LEU F 45 6.07 0.31 37.32
N GLU F 46 6.28 -0.96 37.00
CA GLU F 46 7.37 -1.37 36.13
C GLU F 46 6.96 -2.60 35.35
N TRP F 47 7.44 -2.68 34.12
CA TRP F 47 7.01 -3.67 33.13
C TRP F 47 8.05 -4.79 33.08
N LEU F 48 7.62 -6.02 33.32
CA LEU F 48 8.57 -7.13 33.41
C LEU F 48 8.77 -7.80 32.07
N GLY F 49 7.68 -8.13 31.38
CA GLY F 49 7.80 -8.79 30.10
C GLY F 49 6.46 -8.88 29.40
N VAL F 50 6.47 -9.58 28.27
CA VAL F 50 5.28 -9.78 27.46
C VAL F 50 5.45 -11.08 26.68
N ILE F 51 4.35 -11.81 26.54
CA ILE F 51 4.28 -12.95 25.63
C ILE F 51 3.39 -12.54 24.46
N TRP F 52 3.95 -12.49 23.26
CA TRP F 52 3.21 -11.95 22.14
C TRP F 52 2.23 -12.97 21.59
N ARG F 53 1.40 -12.53 20.64
CA ARG F 53 0.32 -13.37 20.14
C ARG F 53 0.84 -14.47 19.22
N GLY F 54 2.07 -14.29 18.70
CA GLY F 54 2.65 -15.32 17.86
C GLY F 54 3.35 -16.39 18.67
N GLY F 55 3.81 -16.05 19.86
CA GLY F 55 4.52 -16.98 20.72
C GLY F 55 5.93 -16.57 21.07
N SER F 56 6.35 -15.36 20.70
CA SER F 56 7.69 -14.87 21.01
C SER F 56 7.61 -13.95 22.21
N THR F 57 8.70 -13.88 22.97
CA THR F 57 8.70 -13.09 24.20
C THR F 57 9.55 -11.84 24.03
N ASP F 58 9.49 -10.99 25.06
CA ASP F 58 10.34 -9.81 25.19
C ASP F 58 10.42 -9.47 26.66
N TYR F 59 11.64 -9.31 27.17
CA TYR F 59 11.88 -9.20 28.59
C TYR F 59 12.57 -7.89 28.92
N ASN F 60 12.42 -7.46 30.18
CA ASN F 60 13.14 -6.31 30.68
C ASN F 60 14.63 -6.61 30.75
N ALA F 61 15.45 -5.58 30.54
CA ALA F 61 16.90 -5.78 30.52
C ALA F 61 17.46 -5.98 31.92
N ALA F 62 16.77 -5.45 32.93
CA ALA F 62 17.21 -5.67 34.31
C ALA F 62 16.89 -7.08 34.77
N PHE F 63 15.80 -7.65 34.26
CA PHE F 63 15.33 -8.97 34.66
C PHE F 63 15.28 -9.95 33.49
N MET F 64 16.35 -10.02 32.69
CA MET F 64 16.28 -10.82 31.47
C MET F 64 16.47 -12.30 31.74
N SER F 65 17.49 -12.64 32.54
CA SER F 65 17.90 -14.05 32.66
C SER F 65 16.97 -14.83 33.60
N ARG F 66 16.53 -14.19 34.69
CA ARG F 66 15.74 -14.90 35.69
C ARG F 66 14.30 -15.10 35.23
N LEU F 67 13.85 -14.33 34.24
CA LEU F 67 12.46 -14.33 33.85
C LEU F 67 12.24 -15.14 32.57
N SER F 68 11.16 -15.92 32.56
CA SER F 68 10.76 -16.68 31.39
C SER F 68 9.26 -16.86 31.40
N ILE F 69 8.61 -16.53 30.29
CA ILE F 69 7.15 -16.63 30.15
C ILE F 69 6.82 -17.60 29.02
N THR F 70 5.90 -18.53 29.29
CA THR F 70 5.36 -19.41 28.26
C THR F 70 3.85 -19.35 28.31
N LYS F 71 3.20 -20.02 27.36
CA LYS F 71 1.75 -20.15 27.33
C LYS F 71 1.37 -21.38 26.53
N ASP F 72 0.11 -21.80 26.70
CA ASP F 72 -0.49 -22.84 25.88
C ASP F 72 -1.89 -22.38 25.48
N ASN F 73 -2.11 -22.26 24.16
CA ASN F 73 -3.33 -21.64 23.64
C ASN F 73 -4.58 -22.48 23.87
N SER F 74 -4.46 -23.80 23.95
CA SER F 74 -5.65 -24.65 24.08
C SER F 74 -6.25 -24.57 25.48
N LYS F 75 -5.40 -24.56 26.51
CA LYS F 75 -5.89 -24.46 27.87
C LYS F 75 -6.22 -23.02 28.28
N SER F 76 -5.85 -22.04 27.45
CA SER F 76 -6.07 -20.61 27.68
C SER F 76 -5.44 -20.13 28.98
N GLN F 77 -4.17 -20.51 29.19
CA GLN F 77 -3.48 -20.22 30.44
C GLN F 77 -2.05 -19.79 30.14
N VAL F 78 -1.56 -18.85 30.94
CA VAL F 78 -0.22 -18.28 30.79
C VAL F 78 0.58 -18.58 32.05
N PHE F 79 1.84 -18.99 31.88
CA PHE F 79 2.72 -19.37 32.97
C PHE F 79 4.03 -18.60 32.83
N PHE F 80 4.42 -17.87 33.87
CA PHE F 80 5.72 -17.20 33.88
C PHE F 80 6.49 -17.58 35.14
N LYS F 81 7.81 -17.46 35.08
CA LYS F 81 8.69 -17.89 36.16
C LYS F 81 9.79 -16.86 36.38
N MET F 82 10.05 -16.52 37.64
CA MET F 82 11.13 -15.62 38.01
C MET F 82 11.95 -16.25 39.13
N ASN F 83 13.25 -16.05 39.09
CA ASN F 83 14.18 -16.74 39.97
C ASN F 83 14.93 -15.76 40.87
N SER F 84 15.39 -16.31 42.01
CA SER F 84 16.40 -15.79 42.94
C SER F 84 15.93 -14.65 43.85
N LEU F 85 14.72 -14.10 43.58
CA LEU F 85 13.78 -13.46 44.51
C LEU F 85 14.39 -12.61 45.64
N GLN F 86 15.01 -11.48 45.30
CA GLN F 86 15.70 -10.66 46.29
C GLN F 86 14.67 -9.88 47.11
N ALA F 87 15.15 -9.01 48.00
CA ALA F 87 14.27 -8.36 48.97
C ALA F 87 13.41 -7.27 48.34
N ASP F 88 13.84 -6.76 47.18
CA ASP F 88 13.11 -5.68 46.54
C ASP F 88 11.96 -6.20 45.68
N ASP F 89 11.77 -7.52 45.64
CA ASP F 89 10.69 -8.09 44.83
C ASP F 89 9.35 -8.09 45.54
N THR F 90 9.26 -7.52 46.74
CA THR F 90 7.98 -7.46 47.45
C THR F 90 7.09 -6.41 46.80
N ALA F 91 6.10 -6.86 46.02
CA ALA F 91 5.25 -5.97 45.25
C ALA F 91 3.98 -6.73 44.85
N ILE F 92 3.15 -6.06 44.05
CA ILE F 92 1.90 -6.63 43.55
C ILE F 92 2.07 -6.89 42.05
N TYR F 93 1.81 -8.12 41.63
CA TYR F 93 2.03 -8.55 40.26
C TYR F 93 0.71 -8.64 39.52
N TYR F 94 0.68 -8.14 38.28
CA TYR F 94 -0.53 -8.11 37.48
C TYR F 94 -0.30 -8.80 36.14
N CYS F 95 -1.36 -9.40 35.61
CA CYS F 95 -1.40 -9.86 34.23
C CYS F 95 -2.49 -9.07 33.52
N ALA F 96 -2.17 -8.52 32.35
CA ALA F 96 -3.07 -7.66 31.61
C ALA F 96 -2.90 -7.90 30.11
N LYS F 97 -4.00 -7.80 29.37
CA LYS F 97 -3.94 -8.06 27.95
C LYS F 97 -3.69 -6.79 27.17
N GLY F 98 -2.96 -6.91 26.06
CA GLY F 98 -2.67 -5.80 25.19
C GLY F 98 -3.43 -5.88 23.88
N ASP F 99 -2.87 -5.22 22.87
CA ASP F 99 -3.41 -5.12 21.51
C ASP F 99 -4.83 -4.53 21.52
N TYR F 100 -4.95 -3.42 22.24
CA TYR F 100 -6.23 -2.72 22.35
C TYR F 100 -6.49 -1.98 21.05
N TYR F 101 -7.26 -2.62 20.15
CA TYR F 101 -7.51 -2.16 18.78
C TYR F 101 -6.21 -1.96 17.99
N GLY F 102 -5.23 -2.82 18.24
CA GLY F 102 -3.96 -2.75 17.55
C GLY F 102 -2.98 -1.75 18.11
N TYR F 103 -3.23 -1.22 19.31
CA TYR F 103 -2.47 -0.09 19.82
C TYR F 103 -1.59 -0.43 21.00
N ASP F 104 -1.37 -1.72 21.29
CA ASP F 104 -0.32 -2.20 22.20
C ASP F 104 -0.46 -1.69 23.65
N ALA F 105 -1.65 -1.24 24.02
CA ALA F 105 -1.90 -0.70 25.35
C ALA F 105 -2.70 -1.71 26.14
N MET F 106 -2.56 -1.66 27.46
CA MET F 106 -3.20 -2.64 28.33
C MET F 106 -4.69 -2.37 28.44
N ASP F 107 -5.50 -3.33 28.01
CA ASP F 107 -6.95 -3.22 28.00
C ASP F 107 -7.54 -3.49 29.37
N SER F 108 -7.43 -4.73 29.84
CA SER F 108 -8.07 -5.15 31.08
C SER F 108 -7.04 -5.88 31.93
N TRP F 109 -7.03 -5.59 33.22
CA TRP F 109 -6.02 -6.06 34.13
C TRP F 109 -6.59 -7.17 35.00
N GLY F 110 -5.70 -7.96 35.60
CA GLY F 110 -6.14 -8.96 36.55
C GLY F 110 -6.44 -8.36 37.91
N GLN F 111 -6.74 -9.23 38.87
CA GLN F 111 -7.06 -8.75 40.21
C GLN F 111 -5.80 -8.46 41.02
N GLY F 112 -4.66 -8.98 40.57
CA GLY F 112 -3.42 -8.75 41.29
C GLY F 112 -3.17 -9.79 42.36
N THR F 113 -1.90 -10.10 42.57
CA THR F 113 -1.46 -11.03 43.61
C THR F 113 -0.28 -10.44 44.35
N SER F 114 -0.54 -9.89 45.54
CA SER F 114 0.52 -9.29 46.34
C SER F 114 1.38 -10.37 46.98
N VAL F 115 2.70 -10.22 46.85
CA VAL F 115 3.65 -11.20 47.35
C VAL F 115 4.53 -10.57 48.41
N THR F 116 5.13 -11.40 49.25
CA THR F 116 6.09 -10.98 50.26
C THR F 116 7.23 -11.99 50.30
N VAL F 117 8.47 -11.50 50.21
CA VAL F 117 9.62 -12.38 50.05
C VAL F 117 10.39 -12.59 51.34
N SER F 118 9.93 -12.05 52.46
CA SER F 118 10.65 -12.21 53.71
C SER F 118 10.44 -13.61 54.30
N ARG F 119 11.44 -14.05 55.10
CA ARG F 119 11.24 -15.04 56.23
C ARG F 119 10.33 -14.48 57.32
C1 PLM G . 11.47 -10.88 -11.49
O1 PLM G . 10.94 -9.75 -11.70
O2 PLM G . 11.41 -11.61 -10.47
C2 PLM G . 12.30 -11.43 -12.70
C3 PLM G . 13.01 -10.37 -13.54
C4 PLM G . 13.55 -10.90 -14.87
C5 PLM G . 14.67 -11.92 -14.71
C6 PLM G . 15.38 -12.25 -16.02
C7 PLM G . 16.40 -13.38 -15.89
C8 PLM G . 17.81 -13.01 -16.35
C9 PLM G . 18.69 -14.22 -16.67
CA PLM G . 20.08 -13.82 -17.17
CB PLM G . 20.74 -14.86 -18.07
CC PLM G . 22.18 -14.47 -18.43
CD PLM G . 22.82 -15.32 -19.52
CE PLM G . 24.09 -14.65 -20.09
CF PLM G . 25.12 -15.63 -20.65
CG PLM G . 26.42 -14.94 -21.07
#